data_5DK5
#
_entry.id   5DK5
#
_cell.length_a   66.259
_cell.length_b   67.624
_cell.length_c   178.002
_cell.angle_alpha   90.00
_cell.angle_beta   90.00
_cell.angle_gamma   90.00
#
_symmetry.space_group_name_H-M   'P 21 21 21'
#
loop_
_entity.id
_entity.type
_entity.pdbx_description
1 polymer 'Cell death-related nuclease 4'
2 non-polymer 'ZINC ION'
3 non-polymer '2-(N-MORPHOLINO)-ETHANESULFONIC ACID'
4 non-polymer 'MAGNESIUM ION'
5 non-polymer 'ISOPROPYL ALCOHOL'
6 water water
#
_entity_poly.entity_id   1
_entity_poly.type   'polypeptide(L)'
_entity_poly.pdbx_seq_one_letter_code
;GSPGIPGSTRMAYQHCPFDTLLILDFETTSDAANQDYPCEVIQFAIVAYDVPNDKIREDISFNKYVKPVLNRTLTKNCVD
FTGIPQRSIDTADTFDVVYEQFQQWLITLGLEEGKFAFVCDSRQDLWRIAQYQMKLSNIQMPAFFRQYINLYKIFTNEMD
RMGPKELSATTNIGKMNEYYDLPTIGRAHDAMDDCLNIATILQRMINMGAKVTVNELLTCCASWRRQPLVYNKEWRSSFM
DAGKIFERVLPLVVTTIRAGDFRLEMYGVCRYCRKGMDVCGTSHQQTPHDLYKNEEDPIHFAKIAGYY
;
_entity_poly.pdbx_strand_id   A,B
#
loop_
_chem_comp.id
_chem_comp.type
_chem_comp.name
_chem_comp.formula
IPA non-polymer 'ISOPROPYL ALCOHOL' 'C3 H8 O'
MES non-polymer '2-(N-MORPHOLINO)-ETHANESULFONIC ACID' 'C6 H13 N O4 S'
MG non-polymer 'MAGNESIUM ION' 'Mg 2'
ZN non-polymer 'ZINC ION' 'Zn 2'
#
# COMPACT_ATOMS: atom_id res chain seq x y z
N HIS A 15 8.18 42.32 17.65
CA HIS A 15 8.45 40.89 17.76
C HIS A 15 7.54 40.10 16.83
N CYS A 16 7.19 38.88 17.23
CA CYS A 16 6.23 38.07 16.51
C CYS A 16 4.86 38.75 16.49
N PRO A 17 4.30 38.98 15.30
CA PRO A 17 3.01 39.69 15.25
C PRO A 17 1.79 38.83 15.62
N PHE A 18 2.03 37.56 15.95
CA PHE A 18 0.94 36.64 16.31
C PHE A 18 0.92 36.38 17.81
N ASP A 19 -0.29 36.32 18.37
CA ASP A 19 -0.47 36.01 19.78
C ASP A 19 -0.43 34.51 20.02
N THR A 20 -0.85 33.75 19.02
CA THR A 20 -0.87 32.30 19.10
C THR A 20 -0.20 31.69 17.87
N LEU A 21 0.74 30.77 18.14
CA LEU A 21 1.34 29.96 17.10
C LEU A 21 0.92 28.52 17.30
N LEU A 22 0.49 27.88 16.21
CA LEU A 22 0.06 26.50 16.25
C LEU A 22 1.09 25.62 15.55
N ILE A 23 1.77 24.78 16.31
CA ILE A 23 2.77 23.90 15.73
C ILE A 23 2.06 22.72 15.10
N LEU A 24 2.18 22.59 13.78
CA LEU A 24 1.44 21.58 13.03
C LEU A 24 2.34 20.49 12.49
N ASP A 25 1.85 19.26 12.54
CA ASP A 25 2.56 18.12 11.97
C ASP A 25 1.60 17.15 11.30
N PHE A 26 1.89 16.82 10.05
CA PHE A 26 1.18 15.78 9.32
C PHE A 26 2.08 14.57 9.16
N GLU A 27 1.49 13.38 9.25
CA GLU A 27 2.17 12.14 8.89
C GLU A 27 1.31 11.46 7.83
N THR A 28 1.96 10.74 6.91
CA THR A 28 1.26 10.17 5.77
C THR A 28 1.58 8.71 5.52
N THR A 29 0.76 8.08 4.69
CA THR A 29 1.12 6.81 4.08
C THR A 29 2.40 7.02 3.29
N SER A 30 3.24 5.99 3.20
CA SER A 30 4.47 6.12 2.44
C SER A 30 5.10 4.78 2.11
N ASP A 31 6.02 4.81 1.15
CA ASP A 31 6.87 3.67 0.83
C ASP A 31 8.24 4.23 0.47
N ALA A 32 9.13 4.26 1.46
CA ALA A 32 10.37 5.03 1.40
C ALA A 32 11.12 4.93 0.08
N ALA A 33 11.19 3.73 -0.49
CA ALA A 33 11.96 3.50 -1.70
C ALA A 33 11.33 4.12 -2.95
N ASN A 34 10.09 4.59 -2.81
CA ASN A 34 9.33 5.10 -3.96
C ASN A 34 8.70 6.46 -3.69
N GLN A 35 9.16 7.47 -4.43
CA GLN A 35 8.65 8.84 -4.28
C GLN A 35 7.39 9.08 -5.10
N ASP A 36 7.14 8.22 -6.09
CA ASP A 36 5.92 8.33 -6.89
C ASP A 36 4.79 7.63 -6.14
N TYR A 37 4.40 8.24 -5.02
CA TYR A 37 3.48 7.63 -4.08
C TYR A 37 2.41 8.63 -3.66
N PRO A 38 1.12 8.25 -3.75
CA PRO A 38 0.04 9.18 -3.42
C PRO A 38 -0.15 9.31 -1.91
N CYS A 39 0.77 10.02 -1.25
CA CYS A 39 0.74 10.21 0.20
C CYS A 39 -0.61 10.73 0.71
N GLU A 40 -1.16 10.01 1.68
CA GLU A 40 -2.41 10.38 2.36
C GLU A 40 -2.16 10.63 3.83
N VAL A 41 -2.76 11.69 4.38
CA VAL A 41 -2.63 11.99 5.80
C VAL A 41 -3.18 10.83 6.64
N ILE A 42 -2.41 10.41 7.65
CA ILE A 42 -2.85 9.35 8.55
C ILE A 42 -2.77 9.79 10.02
N GLN A 43 -2.12 10.92 10.28
CA GLN A 43 -2.20 11.55 11.60
C GLN A 43 -2.13 13.07 11.49
N PHE A 44 -2.93 13.72 12.31
CA PHE A 44 -3.13 15.17 12.27
C PHE A 44 -2.87 15.73 13.67
N ALA A 45 -1.69 16.32 13.87
CA ALA A 45 -1.26 16.75 15.20
C ALA A 45 -0.98 18.25 15.26
N ILE A 46 -1.50 18.89 16.30
CA ILE A 46 -1.26 20.31 16.54
C ILE A 46 -1.12 20.57 18.04
N VAL A 47 -0.18 21.46 18.38
CA VAL A 47 -0.02 21.95 19.75
C VAL A 47 0.13 23.47 19.71
N ALA A 48 -0.41 24.14 20.72
CA ALA A 48 -0.45 25.60 20.75
C ALA A 48 0.71 26.21 21.53
N TYR A 49 1.16 27.37 21.08
CA TYR A 49 2.18 28.14 21.77
C TYR A 49 1.68 29.56 22.00
N ASP A 50 1.57 29.94 23.26
CA ASP A 50 1.15 31.29 23.63
C ASP A 50 2.36 32.23 23.59
N VAL A 51 2.35 33.16 22.66
CA VAL A 51 3.52 33.99 22.41
C VAL A 51 3.76 35.05 23.50
N PRO A 52 2.72 35.81 23.88
CA PRO A 52 2.94 36.84 24.91
C PRO A 52 3.42 36.27 26.25
N ASN A 53 2.89 35.12 26.64
CA ASN A 53 3.28 34.50 27.91
C ASN A 53 4.44 33.52 27.76
N ASP A 54 4.91 33.32 26.53
CA ASP A 54 6.03 32.42 26.26
C ASP A 54 5.79 31.04 26.87
N LYS A 55 4.63 30.46 26.57
CA LYS A 55 4.25 29.18 27.16
C LYS A 55 3.73 28.19 26.14
N ILE A 56 4.33 27.00 26.15
CA ILE A 56 3.84 25.89 25.35
C ILE A 56 2.63 25.32 26.06
N ARG A 57 1.50 25.29 25.36
CA ARG A 57 0.24 24.82 25.93
C ARG A 57 -0.09 23.41 25.45
N GLU A 58 0.42 22.42 26.17
CA GLU A 58 0.20 21.02 25.81
C GLU A 58 -1.26 20.62 26.03
N ASP A 59 -1.93 21.34 26.93
CA ASP A 59 -3.35 21.09 27.21
C ASP A 59 -4.23 21.56 26.05
N ILE A 60 -3.68 22.44 25.22
CA ILE A 60 -4.38 22.92 24.02
C ILE A 60 -3.76 22.28 22.80
N SER A 61 -4.37 21.18 22.34
CA SER A 61 -3.82 20.41 21.25
C SER A 61 -4.93 19.72 20.45
N PHE A 62 -4.58 19.37 19.21
CA PHE A 62 -5.44 18.59 18.34
C PHE A 62 -4.63 17.41 17.86
N ASN A 63 -5.15 16.21 18.06
CA ASN A 63 -4.41 15.00 17.71
C ASN A 63 -5.36 13.87 17.33
N LYS A 64 -5.43 13.58 16.04
CA LYS A 64 -6.32 12.54 15.54
C LYS A 64 -5.72 11.76 14.39
N TYR A 65 -6.03 10.48 14.35
CA TYR A 65 -5.64 9.62 13.25
C TYR A 65 -6.60 9.86 12.09
N VAL A 66 -6.16 9.47 10.89
CA VAL A 66 -6.95 9.65 9.68
C VAL A 66 -6.91 8.37 8.85
N LYS A 67 -8.07 7.93 8.37
CA LYS A 67 -8.15 6.71 7.55
C LYS A 67 -7.89 7.03 6.07
N PRO A 68 -6.81 6.47 5.50
CA PRO A 68 -6.55 6.64 4.07
C PRO A 68 -7.46 5.74 3.21
N VAL A 69 -7.61 6.04 1.93
CA VAL A 69 -8.51 5.27 1.06
C VAL A 69 -7.83 4.72 -0.20
N LEU A 70 -6.71 5.31 -0.60
CA LEU A 70 -5.99 4.84 -1.77
C LEU A 70 -5.10 3.65 -1.41
N ASN A 71 -4.43 3.75 -0.28
CA ASN A 71 -3.62 2.67 0.26
C ASN A 71 -3.97 2.47 1.72
N ARG A 72 -4.83 1.50 1.97
CA ARG A 72 -5.47 1.33 3.27
C ARG A 72 -4.61 0.52 4.24
N THR A 73 -3.59 -0.15 3.72
CA THR A 73 -2.67 -0.92 4.55
C THR A 73 -1.31 -0.23 4.59
N LEU A 74 -0.90 0.17 5.79
CA LEU A 74 0.38 0.82 5.97
C LEU A 74 1.52 -0.14 5.68
N THR A 75 2.48 0.32 4.88
CA THR A 75 3.69 -0.45 4.66
C THR A 75 4.45 -0.53 5.98
N LYS A 76 5.27 -1.56 6.13
CA LYS A 76 6.00 -1.75 7.38
C LYS A 76 6.92 -0.58 7.65
N ASN A 77 7.50 0.00 6.60
CA ASN A 77 8.45 1.09 6.76
C ASN A 77 7.74 2.40 7.09
N CYS A 78 6.47 2.50 6.73
CA CYS A 78 5.66 3.65 7.14
C CYS A 78 5.32 3.54 8.62
N VAL A 79 5.01 2.32 9.05
CA VAL A 79 4.69 2.07 10.45
C VAL A 79 5.88 2.35 11.35
N ASP A 80 7.08 1.98 10.90
CA ASP A 80 8.29 2.18 11.68
C ASP A 80 8.67 3.66 11.76
N PHE A 81 8.42 4.40 10.69
CA PHE A 81 8.77 5.81 10.66
C PHE A 81 7.79 6.66 11.47
N THR A 82 6.50 6.44 11.25
CA THR A 82 5.46 7.25 11.88
C THR A 82 5.07 6.75 13.27
N GLY A 83 5.36 5.47 13.55
CA GLY A 83 5.00 4.89 14.82
C GLY A 83 3.51 4.67 14.96
N ILE A 84 2.80 4.73 13.83
CA ILE A 84 1.35 4.55 13.82
C ILE A 84 0.98 3.08 13.55
N PRO A 85 0.18 2.46 14.42
CA PRO A 85 -0.22 1.08 14.14
C PRO A 85 -1.43 1.00 13.20
N GLN A 86 -1.53 -0.12 12.49
CA GLN A 86 -2.59 -0.29 11.49
C GLN A 86 -3.98 -0.17 12.13
N ARG A 87 -4.12 -0.66 13.35
CA ARG A 87 -5.40 -0.68 14.02
C ARG A 87 -5.91 0.73 14.31
N SER A 88 -4.99 1.69 14.42
CA SER A 88 -5.36 3.06 14.75
C SER A 88 -5.93 3.81 13.56
N ILE A 89 -5.55 3.42 12.34
CA ILE A 89 -6.11 4.04 11.13
C ILE A 89 -7.35 3.29 10.66
N ASP A 90 -7.46 2.02 11.02
CA ASP A 90 -8.60 1.21 10.61
C ASP A 90 -9.90 1.69 11.27
N THR A 91 -9.79 2.24 12.49
CA THR A 91 -10.94 2.74 13.22
C THR A 91 -11.04 4.27 13.18
N ALA A 92 -10.23 4.90 12.33
CA ALA A 92 -10.20 6.36 12.23
C ALA A 92 -11.20 6.85 11.18
N ASP A 93 -11.46 8.16 11.17
CA ASP A 93 -12.29 8.79 10.16
C ASP A 93 -11.46 9.27 8.97
N THR A 94 -12.12 9.43 7.82
CA THR A 94 -11.43 9.93 6.63
C THR A 94 -11.03 11.40 6.84
N PHE A 95 -10.18 11.91 5.95
CA PHE A 95 -9.60 13.24 6.16
C PHE A 95 -10.64 14.34 6.21
N ASP A 96 -11.64 14.28 5.32
CA ASP A 96 -12.65 15.33 5.26
C ASP A 96 -13.37 15.48 6.60
N VAL A 97 -13.57 14.35 7.29
CA VAL A 97 -14.21 14.37 8.60
C VAL A 97 -13.30 14.98 9.65
N VAL A 98 -12.06 14.51 9.69
CA VAL A 98 -11.07 15.00 10.65
C VAL A 98 -10.77 16.47 10.41
N TYR A 99 -10.74 16.86 9.14
CA TYR A 99 -10.51 18.24 8.77
C TYR A 99 -11.64 19.13 9.29
N GLU A 100 -12.87 18.62 9.28
CA GLU A 100 -14.01 19.37 9.80
C GLU A 100 -13.93 19.49 11.33
N GLN A 101 -13.43 18.45 11.99
CA GLN A 101 -13.23 18.48 13.43
C GLN A 101 -12.16 19.50 13.79
N PHE A 102 -11.12 19.53 12.99
CA PHE A 102 -10.02 20.48 13.15
C PHE A 102 -10.52 21.91 13.08
N GLN A 103 -11.35 22.22 12.07
CA GLN A 103 -11.88 23.56 11.92
C GLN A 103 -12.75 23.96 13.10
N GLN A 104 -13.58 23.03 13.58
CA GLN A 104 -14.42 23.30 14.75
C GLN A 104 -13.56 23.55 15.98
N TRP A 105 -12.45 22.82 16.06
CA TRP A 105 -11.52 22.96 17.19
C TRP A 105 -10.93 24.37 17.21
N LEU A 106 -10.57 24.89 16.04
CA LEU A 106 -10.06 26.25 15.94
C LEU A 106 -11.11 27.27 16.41
N ILE A 107 -12.34 27.10 15.96
CA ILE A 107 -13.41 28.02 16.31
C ILE A 107 -13.71 27.97 17.81
N THR A 108 -13.60 26.78 18.38
CA THR A 108 -13.88 26.60 19.80
C THR A 108 -12.84 27.31 20.65
N LEU A 109 -11.61 27.40 20.15
CA LEU A 109 -10.54 28.10 20.85
C LEU A 109 -10.70 29.62 20.74
N GLY A 110 -11.67 30.07 19.95
CA GLY A 110 -11.86 31.48 19.73
C GLY A 110 -10.75 32.07 18.87
N LEU A 111 -10.08 31.20 18.13
CA LEU A 111 -8.97 31.63 17.27
C LEU A 111 -9.49 32.35 16.03
N GLU A 112 -9.21 33.65 15.98
CA GLU A 112 -9.63 34.50 14.87
C GLU A 112 -8.66 34.32 13.69
N GLU A 113 -9.22 34.13 12.50
CA GLU A 113 -8.42 33.91 11.30
C GLU A 113 -7.51 35.11 11.03
N GLY A 114 -6.27 34.82 10.63
CA GLY A 114 -5.31 35.86 10.29
C GLY A 114 -4.51 36.35 11.49
N LYS A 115 -4.95 35.96 12.69
CA LYS A 115 -4.33 36.43 13.93
C LYS A 115 -3.51 35.33 14.61
N PHE A 116 -3.50 34.14 14.01
CA PHE A 116 -2.62 33.07 14.42
C PHE A 116 -1.89 32.54 13.18
N ALA A 117 -0.89 31.70 13.39
CA ALA A 117 -0.13 31.13 12.30
C ALA A 117 0.37 29.74 12.62
N PHE A 118 0.50 28.91 11.60
CA PHE A 118 1.03 27.56 11.77
C PHE A 118 2.55 27.57 11.67
N VAL A 119 3.17 26.72 12.48
CA VAL A 119 4.61 26.56 12.50
C VAL A 119 4.95 25.12 12.13
N CYS A 120 5.85 24.96 11.15
CA CYS A 120 6.29 23.64 10.72
C CYS A 120 7.81 23.59 10.63
N ASP A 121 8.38 22.39 10.68
CA ASP A 121 9.82 22.23 10.63
C ASP A 121 10.33 22.29 9.19
N SER A 122 9.41 22.33 8.24
CA SER A 122 9.78 22.46 6.84
C SER A 122 8.56 22.83 5.99
N ARG A 123 8.78 22.90 4.67
CA ARG A 123 7.70 23.19 3.73
C ARG A 123 6.81 21.97 3.47
N GLN A 124 7.27 20.79 3.89
CA GLN A 124 6.62 19.55 3.49
C GLN A 124 5.17 19.43 3.97
N ASP A 125 4.91 19.79 5.22
CA ASP A 125 3.59 19.60 5.82
C ASP A 125 2.47 20.31 5.07
N LEU A 126 2.70 21.56 4.68
CA LEU A 126 1.65 22.37 4.05
C LEU A 126 1.80 22.51 2.54
N TRP A 127 3.01 22.73 2.03
CA TRP A 127 3.17 22.88 0.58
C TRP A 127 2.95 21.55 -0.17
N ARG A 128 3.44 20.45 0.41
CA ARG A 128 3.30 19.14 -0.25
C ARG A 128 2.11 18.35 0.30
N ILE A 129 2.19 17.96 1.57
CA ILE A 129 1.24 17.01 2.14
C ILE A 129 -0.18 17.56 2.16
N ALA A 130 -0.35 18.77 2.69
CA ALA A 130 -1.68 19.37 2.78
C ALA A 130 -2.26 19.59 1.39
N GLN A 131 -1.48 20.19 0.49
CA GLN A 131 -1.94 20.43 -0.88
C GLN A 131 -2.46 19.16 -1.54
N TYR A 132 -1.66 18.09 -1.48
CA TYR A 132 -2.02 16.86 -2.16
C TYR A 132 -3.25 16.21 -1.53
N GLN A 133 -3.30 16.22 -0.20
CA GLN A 133 -4.46 15.66 0.50
C GLN A 133 -5.72 16.44 0.15
N MET A 134 -5.60 17.76 0.12
CA MET A 134 -6.72 18.63 -0.23
C MET A 134 -7.22 18.32 -1.65
N LYS A 135 -6.30 17.97 -2.54
CA LYS A 135 -6.65 17.58 -3.90
C LYS A 135 -7.46 16.29 -3.89
N LEU A 136 -6.97 15.30 -3.15
CA LEU A 136 -7.65 14.02 -3.05
C LEU A 136 -9.05 14.17 -2.44
N SER A 137 -9.15 15.00 -1.41
CA SER A 137 -10.42 15.22 -0.72
C SER A 137 -11.30 16.22 -1.44
N ASN A 138 -10.75 16.83 -2.50
CA ASN A 138 -11.47 17.84 -3.26
C ASN A 138 -11.90 19.01 -2.38
N ILE A 139 -10.98 19.48 -1.54
CA ILE A 139 -11.22 20.61 -0.66
C ILE A 139 -10.30 21.76 -1.05
N GLN A 140 -10.86 22.96 -1.19
CA GLN A 140 -10.05 24.13 -1.53
C GLN A 140 -9.04 24.40 -0.43
N MET A 141 -7.81 24.68 -0.83
CA MET A 141 -6.75 25.02 0.10
C MET A 141 -7.14 26.25 0.94
N PRO A 142 -7.21 26.10 2.28
CA PRO A 142 -7.61 27.23 3.12
C PRO A 142 -6.53 28.31 3.23
N ALA A 143 -6.94 29.52 3.56
CA ALA A 143 -6.02 30.66 3.63
C ALA A 143 -4.97 30.47 4.72
N PHE A 144 -5.34 29.83 5.83
CA PHE A 144 -4.41 29.65 6.94
C PHE A 144 -3.38 28.53 6.69
N PHE A 145 -3.52 27.84 5.57
CA PHE A 145 -2.49 26.88 5.13
C PHE A 145 -1.64 27.44 3.99
N ARG A 146 -1.96 28.66 3.53
CA ARG A 146 -1.25 29.28 2.42
C ARG A 146 -0.28 30.37 2.91
N GLN A 147 -0.19 30.50 4.23
CA GLN A 147 0.87 31.27 4.86
C GLN A 147 1.25 30.56 6.15
N TYR A 148 2.55 30.44 6.41
CA TYR A 148 3.00 29.73 7.59
C TYR A 148 4.45 30.06 7.92
N ILE A 149 4.92 29.49 9.01
CA ILE A 149 6.27 29.72 9.49
C ILE A 149 7.10 28.46 9.30
N ASN A 150 8.06 28.54 8.39
CA ASN A 150 9.04 27.47 8.22
C ASN A 150 10.16 27.70 9.23
N LEU A 151 10.10 26.98 10.34
CA LEU A 151 11.01 27.24 11.44
C LEU A 151 12.46 26.95 11.06
N TYR A 152 12.68 25.97 10.19
CA TYR A 152 14.04 25.61 9.81
C TYR A 152 14.68 26.72 8.98
N LYS A 153 13.90 27.39 8.15
CA LYS A 153 14.42 28.48 7.34
C LYS A 153 14.76 29.70 8.19
N ILE A 154 14.02 29.91 9.28
CA ILE A 154 14.37 30.96 10.23
C ILE A 154 15.67 30.58 10.95
N PHE A 155 15.75 29.33 11.35
CA PHE A 155 16.93 28.80 12.04
C PHE A 155 18.18 28.93 11.18
N THR A 156 18.04 28.61 9.90
CA THR A 156 19.13 28.69 8.95
C THR A 156 19.52 30.15 8.69
N ASN A 157 18.53 31.01 8.60
CA ASN A 157 18.76 32.43 8.32
C ASN A 157 19.40 33.17 9.50
N GLU A 158 19.23 32.61 10.70
CA GLU A 158 19.72 33.24 11.93
C GLU A 158 21.10 32.73 12.36
N MET A 159 21.66 31.81 11.58
CA MET A 159 22.86 31.08 12.02
C MET A 159 24.06 31.99 12.24
N ASP A 160 24.26 32.96 11.37
CA ASP A 160 25.41 33.85 11.48
C ASP A 160 25.34 34.70 12.74
N ARG A 161 24.13 35.02 13.18
CA ARG A 161 23.94 35.83 14.38
C ARG A 161 24.13 34.96 15.63
N MET A 162 23.74 33.70 15.54
CA MET A 162 23.80 32.79 16.69
C MET A 162 25.18 32.19 16.89
N GLY A 163 25.90 32.00 15.80
CA GLY A 163 27.25 31.46 15.85
C GLY A 163 27.34 30.10 15.18
N PRO A 164 28.52 29.77 14.63
CA PRO A 164 28.68 28.50 13.90
C PRO A 164 28.76 27.29 14.83
N LYS A 165 28.37 26.12 14.33
CA LYS A 165 28.43 24.89 15.10
C LYS A 165 28.28 23.67 14.20
N GLU A 166 29.19 22.72 14.34
CA GLU A 166 29.16 21.49 13.55
C GLU A 166 28.04 20.58 14.04
N LEU A 167 27.15 20.21 13.12
CA LEU A 167 25.99 19.37 13.44
C LEU A 167 26.05 18.05 12.67
N SER A 168 25.88 16.94 13.39
CA SER A 168 25.91 15.62 12.78
C SER A 168 24.52 15.08 12.48
N ALA A 169 23.48 15.77 12.93
CA ALA A 169 22.11 15.36 12.69
C ALA A 169 21.73 15.57 11.22
N THR A 170 20.78 14.78 10.73
CA THR A 170 20.41 14.78 9.32
C THR A 170 19.01 15.33 9.06
N THR A 171 18.19 15.42 10.12
CA THR A 171 16.84 15.97 10.00
C THR A 171 16.77 17.38 10.57
N ASN A 172 15.80 18.16 10.09
CA ASN A 172 15.63 19.54 10.55
C ASN A 172 15.45 19.62 12.06
N ILE A 173 14.52 18.84 12.58
CA ILE A 173 14.29 18.78 14.02
C ILE A 173 15.57 18.35 14.75
N GLY A 174 16.25 17.36 14.19
CA GLY A 174 17.48 16.86 14.77
C GLY A 174 18.58 17.90 14.84
N LYS A 175 18.76 18.63 13.74
CA LYS A 175 19.79 19.66 13.67
C LYS A 175 19.51 20.79 14.65
N MET A 176 18.25 21.19 14.75
CA MET A 176 17.86 22.29 15.61
C MET A 176 17.95 21.92 17.09
N ASN A 177 17.57 20.68 17.42
CA ASN A 177 17.74 20.19 18.79
C ASN A 177 19.21 20.10 19.16
N GLU A 178 20.02 19.57 18.26
CA GLU A 178 21.46 19.41 18.51
C GLU A 178 22.12 20.76 18.71
N TYR A 179 21.73 21.74 17.90
CA TYR A 179 22.33 23.07 17.96
C TYR A 179 22.11 23.70 19.33
N TYR A 180 20.87 23.61 19.83
CA TYR A 180 20.51 24.23 21.10
C TYR A 180 20.65 23.26 22.26
N ASP A 181 21.32 22.12 22.02
CA ASP A 181 21.56 21.12 23.05
C ASP A 181 20.26 20.68 23.72
N LEU A 182 19.19 20.58 22.94
CA LEU A 182 17.90 20.15 23.46
C LEU A 182 17.76 18.64 23.41
N PRO A 183 17.28 18.02 24.51
CA PRO A 183 17.03 16.57 24.45
C PRO A 183 15.86 16.25 23.53
N THR A 184 15.98 15.16 22.77
CA THR A 184 14.92 14.77 21.85
C THR A 184 13.69 14.28 22.62
N ILE A 185 12.57 14.98 22.44
CA ILE A 185 11.31 14.59 23.05
C ILE A 185 10.77 13.35 22.34
N GLY A 186 10.61 12.27 23.09
CA GLY A 186 10.13 11.02 22.54
C GLY A 186 9.13 10.35 23.47
N ARG A 187 7.92 10.89 23.52
CA ARG A 187 6.87 10.33 24.36
C ARG A 187 6.19 9.14 23.68
N ALA A 188 5.44 9.44 22.63
CA ALA A 188 4.63 8.44 21.93
C ALA A 188 5.27 8.00 20.62
N HIS A 189 6.38 8.64 20.25
CA HIS A 189 7.07 8.34 18.99
C HIS A 189 6.12 8.48 17.81
N ASP A 190 5.41 9.59 17.75
CA ASP A 190 4.45 9.83 16.68
C ASP A 190 4.44 11.31 16.29
N ALA A 191 3.40 11.73 15.58
CA ALA A 191 3.27 13.10 15.10
C ALA A 191 3.33 14.13 16.22
N MET A 192 2.82 13.77 17.39
CA MET A 192 2.76 14.71 18.50
C MET A 192 4.16 15.01 19.04
N ASP A 193 5.07 14.05 18.95
CA ASP A 193 6.44 14.25 19.41
C ASP A 193 7.14 15.31 18.55
N ASP A 194 6.85 15.31 17.26
CA ASP A 194 7.36 16.35 16.37
C ASP A 194 6.85 17.73 16.81
N CYS A 195 5.56 17.80 17.10
CA CYS A 195 4.95 19.04 17.57
C CYS A 195 5.64 19.57 18.83
N LEU A 196 5.86 18.69 19.79
CA LEU A 196 6.48 19.09 21.05
C LEU A 196 7.93 19.52 20.85
N ASN A 197 8.67 18.80 20.01
CA ASN A 197 10.03 19.18 19.69
C ASN A 197 10.10 20.54 19.01
N ILE A 198 9.29 20.72 17.98
CA ILE A 198 9.25 21.99 17.25
C ILE A 198 8.83 23.13 18.18
N ALA A 199 7.85 22.86 19.04
CA ALA A 199 7.39 23.86 20.01
C ALA A 199 8.50 24.26 20.97
N THR A 200 9.27 23.28 21.42
CA THR A 200 10.35 23.54 22.36
C THR A 200 11.48 24.33 21.68
N ILE A 201 11.81 23.94 20.45
CA ILE A 201 12.80 24.64 19.66
C ILE A 201 12.33 26.08 19.39
N LEU A 202 11.08 26.22 19.01
CA LEU A 202 10.49 27.52 18.73
C LEU A 202 10.64 28.46 19.92
N GLN A 203 10.29 27.96 21.10
CA GLN A 203 10.41 28.73 22.34
C GLN A 203 11.84 29.17 22.59
N ARG A 204 12.78 28.24 22.43
CA ARG A 204 14.19 28.54 22.62
C ARG A 204 14.65 29.63 21.65
N MET A 205 14.31 29.47 20.38
CA MET A 205 14.72 30.42 19.34
C MET A 205 14.20 31.82 19.65
N ILE A 206 12.94 31.91 20.06
CA ILE A 206 12.33 33.19 20.41
C ILE A 206 13.09 33.84 21.56
N ASN A 207 13.42 33.04 22.57
CA ASN A 207 14.14 33.55 23.73
C ASN A 207 15.55 34.00 23.38
N MET A 208 16.12 33.40 22.35
CA MET A 208 17.46 33.77 21.88
C MET A 208 17.41 34.90 20.86
N GLY A 209 16.22 35.45 20.63
CA GLY A 209 16.08 36.66 19.82
C GLY A 209 15.75 36.44 18.36
N ALA A 210 15.35 35.22 18.00
CA ALA A 210 14.97 34.94 16.62
C ALA A 210 13.73 35.74 16.23
N LYS A 211 13.71 36.23 14.98
CA LYS A 211 12.56 36.97 14.47
C LYS A 211 11.54 35.99 13.87
N VAL A 212 10.68 35.45 14.72
CA VAL A 212 9.73 34.44 14.28
C VAL A 212 8.47 35.08 13.70
N THR A 213 8.28 34.89 12.39
CA THR A 213 7.08 35.34 11.71
C THR A 213 6.92 34.54 10.41
N VAL A 214 5.80 34.72 9.74
CA VAL A 214 5.55 34.07 8.46
C VAL A 214 6.67 34.37 7.46
N ASN A 215 7.24 33.32 6.87
CA ASN A 215 8.31 33.47 5.90
C ASN A 215 8.06 32.72 4.58
N GLU A 216 6.95 31.99 4.52
CA GLU A 216 6.59 31.27 3.31
C GLU A 216 5.11 31.43 2.98
N LEU A 217 4.83 31.73 1.72
CA LEU A 217 3.49 31.97 1.21
C LEU A 217 3.23 31.11 0.00
N LEU A 218 2.05 30.48 -0.06
CA LEU A 218 1.71 29.64 -1.20
C LEU A 218 0.99 30.47 -2.27
N THR A 219 1.50 30.36 -3.49
CA THR A 219 1.13 31.23 -4.60
C THR A 219 0.72 30.41 -5.81
N CYS A 220 -0.14 30.97 -6.68
CA CYS A 220 -0.71 30.20 -7.77
C CYS A 220 0.19 30.11 -9.02
N CYS A 221 1.03 31.11 -9.23
CA CYS A 221 1.91 31.14 -10.40
C CYS A 221 3.34 31.54 -10.05
N ALA A 222 4.29 31.04 -10.83
CA ALA A 222 5.70 31.34 -10.65
C ALA A 222 6.42 31.32 -11.99
N SER A 223 7.27 32.31 -12.23
CA SER A 223 7.95 32.45 -13.51
C SER A 223 8.84 31.25 -13.82
N TRP A 224 9.30 30.55 -12.78
CA TRP A 224 10.21 29.43 -12.97
C TRP A 224 9.47 28.12 -13.27
N ARG A 225 8.17 28.22 -13.53
CA ARG A 225 7.40 27.08 -14.02
C ARG A 225 6.94 27.32 -15.47
N ARG A 226 7.39 28.42 -16.06
CA ARG A 226 7.02 28.76 -17.43
C ARG A 226 7.70 27.83 -18.43
N GLN A 227 8.92 27.41 -18.10
CA GLN A 227 9.65 26.45 -18.92
C GLN A 227 9.46 25.05 -18.36
N PRO A 228 9.30 24.05 -19.23
CA PRO A 228 9.14 22.67 -18.74
C PRO A 228 10.37 22.17 -17.98
N LEU A 229 10.13 21.38 -16.94
CA LEU A 229 11.20 20.77 -16.16
C LEU A 229 11.98 19.77 -17.01
N VAL A 230 13.30 19.78 -16.88
CA VAL A 230 14.13 18.77 -17.51
C VAL A 230 13.99 17.46 -16.73
N TYR A 231 13.40 16.46 -17.38
CA TYR A 231 13.01 15.23 -16.71
C TYR A 231 14.20 14.38 -16.27
N ASN A 232 14.22 14.01 -15.00
CA ASN A 232 15.18 13.07 -14.44
C ASN A 232 14.50 11.71 -14.30
N LYS A 233 14.91 10.76 -15.14
CA LYS A 233 14.23 9.47 -15.23
C LYS A 233 14.28 8.67 -13.93
N GLU A 234 15.20 9.03 -13.04
CA GLU A 234 15.40 8.31 -11.79
C GLU A 234 14.87 9.08 -10.58
N TRP A 235 13.92 9.99 -10.81
CA TRP A 235 13.44 10.87 -9.75
C TRP A 235 12.71 10.09 -8.64
N ARG A 236 12.19 8.90 -8.96
CA ARG A 236 11.39 8.15 -8.00
C ARG A 236 12.20 7.57 -6.85
N SER A 237 13.52 7.52 -7.02
CA SER A 237 14.40 6.96 -5.99
C SER A 237 15.17 8.04 -5.25
N SER A 238 14.73 9.29 -5.37
CA SER A 238 15.43 10.42 -4.76
C SER A 238 14.45 11.49 -4.31
N PHE A 239 14.46 11.76 -3.00
CA PHE A 239 13.57 12.75 -2.42
C PHE A 239 13.83 14.13 -3.01
N MET A 240 15.11 14.46 -3.22
CA MET A 240 15.47 15.75 -3.77
C MET A 240 14.97 15.90 -5.21
N ASP A 241 15.31 14.93 -6.05
CA ASP A 241 14.88 14.96 -7.44
C ASP A 241 13.35 14.95 -7.54
N ALA A 242 12.70 14.19 -6.66
CA ALA A 242 11.25 14.11 -6.65
C ALA A 242 10.61 15.46 -6.30
N GLY A 243 11.31 16.25 -5.49
CA GLY A 243 10.84 17.56 -5.11
C GLY A 243 10.61 18.46 -6.31
N LYS A 244 11.48 18.34 -7.31
CA LYS A 244 11.35 19.13 -8.53
C LYS A 244 10.07 18.77 -9.26
N ILE A 245 9.70 17.50 -9.21
CA ILE A 245 8.49 17.00 -9.84
C ILE A 245 7.27 17.52 -9.09
N PHE A 246 7.29 17.38 -7.75
CA PHE A 246 6.20 17.87 -6.91
C PHE A 246 5.93 19.34 -7.17
N GLU A 247 7.00 20.11 -7.34
CA GLU A 247 6.90 21.55 -7.56
C GLU A 247 6.08 21.91 -8.80
N ARG A 248 6.13 21.05 -9.82
CA ARG A 248 5.41 21.29 -11.07
C ARG A 248 3.99 20.72 -11.01
N VAL A 249 3.84 19.56 -10.38
CA VAL A 249 2.55 18.89 -10.32
C VAL A 249 1.56 19.61 -9.41
N LEU A 250 2.03 20.03 -8.24
CA LEU A 250 1.17 20.72 -7.29
C LEU A 250 0.86 22.14 -7.78
N PRO A 251 -0.40 22.58 -7.64
CA PRO A 251 -0.79 23.88 -8.20
C PRO A 251 -0.15 25.09 -7.52
N LEU A 252 0.04 25.04 -6.20
CA LEU A 252 0.57 26.19 -5.48
C LEU A 252 2.07 26.08 -5.26
N VAL A 253 2.74 27.21 -5.40
CA VAL A 253 4.19 27.32 -5.29
C VAL A 253 4.57 28.01 -3.99
N VAL A 254 5.68 27.59 -3.39
CA VAL A 254 6.23 28.29 -2.24
C VAL A 254 6.86 29.61 -2.66
N THR A 255 6.41 30.69 -2.03
CA THR A 255 7.00 32.00 -2.20
C THR A 255 7.63 32.40 -0.88
N THR A 256 8.87 32.90 -0.94
CA THR A 256 9.60 33.28 0.26
C THR A 256 9.49 34.79 0.48
N ILE A 257 9.24 35.17 1.73
CA ILE A 257 9.18 36.58 2.11
C ILE A 257 10.10 36.80 3.32
N ARG A 258 10.96 37.81 3.24
CA ARG A 258 11.97 38.00 4.27
C ARG A 258 11.32 38.51 5.55
N ALA A 259 11.98 38.25 6.67
CA ALA A 259 11.47 38.67 7.96
C ALA A 259 11.27 40.18 8.01
N GLY A 260 10.07 40.60 8.42
CA GLY A 260 9.76 42.01 8.56
C GLY A 260 9.03 42.58 7.36
N ASP A 261 8.83 41.77 6.34
CA ASP A 261 8.09 42.17 5.15
C ASP A 261 6.64 41.70 5.23
N PHE A 262 6.43 40.62 5.97
CA PHE A 262 5.09 40.09 6.15
C PHE A 262 4.24 41.00 7.01
N ARG A 263 2.97 41.13 6.65
CA ARG A 263 2.02 41.91 7.42
C ARG A 263 0.69 41.17 7.50
N LEU A 264 0.01 41.30 8.63
CA LEU A 264 -1.21 40.55 8.91
C LEU A 264 -2.26 40.69 7.81
N GLU A 265 -2.32 41.86 7.19
CA GLU A 265 -3.31 42.15 6.16
C GLU A 265 -3.12 41.28 4.91
N MET A 266 -2.01 40.55 4.83
CA MET A 266 -1.73 39.69 3.69
C MET A 266 -2.56 38.40 3.74
N TYR A 267 -3.20 38.14 4.87
CA TYR A 267 -3.98 36.92 5.03
C TYR A 267 -5.12 36.84 4.02
N GLY A 268 -5.20 35.72 3.32
CA GLY A 268 -6.33 35.44 2.45
C GLY A 268 -6.25 36.04 1.06
N VAL A 269 -5.10 36.61 0.71
CA VAL A 269 -4.90 37.19 -0.62
C VAL A 269 -3.59 36.68 -1.25
N CYS A 270 -3.71 36.13 -2.46
CA CYS A 270 -2.56 35.58 -3.18
C CYS A 270 -1.58 36.69 -3.56
N ARG A 271 -0.30 36.45 -3.34
CA ARG A 271 0.73 37.46 -3.62
C ARG A 271 0.92 37.71 -5.12
N TYR A 272 0.53 36.74 -5.93
CA TYR A 272 0.68 36.87 -7.39
C TYR A 272 -0.53 37.56 -8.02
N CYS A 273 -1.68 36.89 -8.00
CA CYS A 273 -2.87 37.40 -8.68
C CYS A 273 -3.62 38.43 -7.85
N ARG A 274 -3.23 38.58 -6.58
CA ARG A 274 -3.83 39.58 -5.69
C ARG A 274 -5.29 39.29 -5.36
N LYS A 275 -5.78 38.12 -5.75
CA LYS A 275 -7.17 37.74 -5.52
C LYS A 275 -7.34 37.06 -4.18
N GLY A 276 -8.58 36.99 -3.70
CA GLY A 276 -8.89 36.27 -2.49
C GLY A 276 -8.65 34.79 -2.70
N MET A 277 -8.24 34.09 -1.64
CA MET A 277 -7.92 32.66 -1.73
C MET A 277 -9.18 31.80 -1.76
N ASP A 278 -10.32 32.45 -1.96
CA ASP A 278 -11.58 31.76 -2.26
C ASP A 278 -11.75 31.62 -3.77
N VAL A 279 -11.13 32.52 -4.51
CA VAL A 279 -11.13 32.48 -5.97
C VAL A 279 -9.84 31.82 -6.47
N CYS A 280 -8.72 32.27 -5.96
CA CYS A 280 -7.43 31.68 -6.28
C CYS A 280 -7.27 30.34 -5.57
N GLY A 281 -6.79 29.33 -6.31
CA GLY A 281 -6.61 28.00 -5.77
C GLY A 281 -7.71 27.05 -6.23
N THR A 282 -8.56 27.53 -7.13
CA THR A 282 -9.64 26.72 -7.67
C THR A 282 -9.10 25.69 -8.66
N SER A 283 -8.06 26.07 -9.38
CA SER A 283 -7.54 25.24 -10.46
C SER A 283 -6.05 25.51 -10.70
N HIS A 284 -5.33 24.47 -11.12
CA HIS A 284 -3.92 24.59 -11.46
C HIS A 284 -3.75 25.57 -12.62
N GLN A 285 -2.90 26.58 -12.43
CA GLN A 285 -2.70 27.63 -13.43
C GLN A 285 -1.52 27.35 -14.35
N GLN A 286 -0.70 26.37 -13.99
CA GLN A 286 0.49 26.01 -14.77
C GLN A 286 0.66 24.50 -14.86
N THR A 287 -0.37 23.81 -15.30
CA THR A 287 -0.34 22.34 -15.40
C THR A 287 0.84 21.90 -16.28
N PRO A 288 1.70 21.00 -15.76
CA PRO A 288 2.87 20.57 -16.54
C PRO A 288 2.52 19.46 -17.52
N HIS A 289 1.84 19.82 -18.61
CA HIS A 289 1.38 18.84 -19.60
C HIS A 289 2.55 18.06 -20.16
N ASP A 290 3.70 18.73 -20.28
CA ASP A 290 4.93 18.11 -20.76
C ASP A 290 5.31 16.86 -19.95
N LEU A 291 4.90 16.81 -18.69
CA LEU A 291 5.22 15.67 -17.83
C LEU A 291 4.22 14.52 -17.99
N TYR A 292 3.11 14.80 -18.67
CA TYR A 292 1.99 13.86 -18.74
C TYR A 292 1.79 13.25 -20.12
N LYS A 293 2.82 13.34 -20.98
CA LYS A 293 2.70 12.89 -22.37
C LYS A 293 3.16 11.45 -22.59
N ASN A 294 3.95 10.93 -21.66
CA ASN A 294 4.55 9.61 -21.84
C ASN A 294 3.80 8.50 -21.11
N GLU A 295 3.06 7.70 -21.88
CA GLU A 295 2.28 6.59 -21.31
C GLU A 295 3.17 5.43 -20.88
N GLU A 296 4.43 5.45 -21.34
CA GLU A 296 5.40 4.42 -20.95
C GLU A 296 6.00 4.72 -19.58
N ASP A 297 5.89 5.97 -19.14
CA ASP A 297 6.44 6.38 -17.85
C ASP A 297 5.52 7.41 -17.17
N PRO A 298 4.31 6.99 -16.79
CA PRO A 298 3.34 7.93 -16.21
C PRO A 298 3.72 8.33 -14.78
N ILE A 299 3.30 9.53 -14.37
CA ILE A 299 3.44 9.96 -12.98
C ILE A 299 2.23 9.45 -12.21
N HIS A 300 2.42 8.35 -11.48
CA HIS A 300 1.33 7.68 -10.78
C HIS A 300 0.58 8.59 -9.81
N PHE A 301 1.31 9.33 -8.98
CA PHE A 301 0.65 10.11 -7.93
C PHE A 301 -0.15 11.26 -8.52
N ALA A 302 0.25 11.71 -9.70
CA ALA A 302 -0.47 12.77 -10.39
C ALA A 302 -1.73 12.22 -11.05
N LYS A 303 -1.60 11.04 -11.65
CA LYS A 303 -2.71 10.42 -12.38
C LYS A 303 -3.84 10.04 -11.43
N ILE A 304 -3.49 9.38 -10.33
CA ILE A 304 -4.50 8.86 -9.41
C ILE A 304 -5.19 9.99 -8.66
N ALA A 305 -4.53 11.14 -8.58
CA ALA A 305 -5.10 12.31 -7.93
C ALA A 305 -6.03 13.07 -8.87
N GLY A 306 -5.83 12.89 -10.17
CA GLY A 306 -6.67 13.53 -11.17
C GLY A 306 -6.12 14.85 -11.66
N TYR A 307 -4.80 15.03 -11.58
CA TYR A 307 -4.17 16.23 -12.11
C TYR A 307 -4.16 16.19 -13.64
N TYR A 308 -4.35 14.99 -14.19
CA TYR A 308 -4.58 14.83 -15.62
C TYR A 308 -5.35 13.54 -15.89
N GLN B 14 -2.36 -39.81 -20.39
CA GLN B 14 -1.87 -41.18 -20.17
C GLN B 14 -2.20 -41.65 -18.76
N HIS B 15 -1.46 -41.16 -17.78
CA HIS B 15 -1.71 -41.46 -16.37
C HIS B 15 -2.57 -40.37 -15.73
N CYS B 16 -3.13 -39.51 -16.58
CA CYS B 16 -3.93 -38.37 -16.11
C CYS B 16 -5.36 -38.46 -16.65
N PRO B 17 -6.37 -38.31 -15.77
CA PRO B 17 -7.76 -38.47 -16.21
C PRO B 17 -8.33 -37.25 -16.93
N PHE B 18 -7.53 -36.19 -17.07
CA PHE B 18 -7.96 -34.97 -17.76
C PHE B 18 -7.28 -34.86 -19.12
N ASP B 19 -8.03 -34.44 -20.12
CA ASP B 19 -7.48 -34.20 -21.45
C ASP B 19 -6.81 -32.83 -21.53
N THR B 20 -7.15 -31.95 -20.60
CA THR B 20 -6.60 -30.60 -20.55
C THR B 20 -6.21 -30.20 -19.14
N LEU B 21 -5.01 -29.63 -19.00
CA LEU B 21 -4.55 -29.09 -17.74
C LEU B 21 -4.15 -27.62 -17.90
N LEU B 22 -4.75 -26.77 -17.07
CA LEU B 22 -4.48 -25.33 -17.12
C LEU B 22 -3.53 -24.93 -16.00
N ILE B 23 -2.31 -24.59 -16.36
CA ILE B 23 -1.33 -24.16 -15.37
C ILE B 23 -1.66 -22.73 -14.96
N LEU B 24 -2.13 -22.57 -13.73
CA LEU B 24 -2.63 -21.29 -13.23
C LEU B 24 -1.62 -20.60 -12.30
N ASP B 25 -1.59 -19.27 -12.36
CA ASP B 25 -0.70 -18.49 -11.51
C ASP B 25 -1.25 -17.10 -11.20
N PHE B 26 -1.31 -16.79 -9.91
CA PHE B 26 -1.70 -15.47 -9.44
C PHE B 26 -0.51 -14.73 -8.86
N GLU B 27 -0.41 -13.44 -9.15
CA GLU B 27 0.49 -12.54 -8.43
C GLU B 27 -0.36 -11.51 -7.73
N THR B 28 0.06 -11.10 -6.53
CA THR B 28 -0.74 -10.22 -5.70
C THR B 28 0.04 -9.00 -5.21
N THR B 29 -0.69 -8.03 -4.68
CA THR B 29 -0.08 -6.96 -3.91
C THR B 29 0.56 -7.59 -2.69
N SER B 30 1.57 -6.94 -2.12
CA SER B 30 2.25 -7.47 -0.95
C SER B 30 3.17 -6.45 -0.31
N ASP B 31 3.52 -6.73 0.94
CA ASP B 31 4.54 -5.99 1.67
C ASP B 31 5.35 -7.01 2.45
N ALA B 32 6.45 -7.45 1.86
CA ALA B 32 7.20 -8.63 2.30
C ALA B 32 7.32 -8.78 3.83
N ALA B 33 7.54 -7.66 4.52
CA ALA B 33 7.82 -7.70 5.95
C ALA B 33 6.55 -7.87 6.79
N ASN B 34 5.39 -7.76 6.14
CA ASN B 34 4.11 -7.84 6.84
C ASN B 34 3.15 -8.87 6.22
N GLN B 35 2.79 -9.88 7.02
CA GLN B 35 1.88 -10.92 6.56
C GLN B 35 0.43 -10.56 6.81
N ASP B 36 0.19 -9.57 7.67
CA ASP B 36 -1.16 -9.10 7.92
C ASP B 36 -1.54 -8.12 6.81
N TYR B 37 -1.62 -8.65 5.59
CA TYR B 37 -1.78 -7.84 4.40
C TYR B 37 -2.93 -8.37 3.54
N PRO B 38 -3.84 -7.49 3.09
CA PRO B 38 -4.98 -7.91 2.28
C PRO B 38 -4.61 -8.10 0.82
N CYS B 39 -3.92 -9.20 0.52
CA CYS B 39 -3.41 -9.48 -0.82
C CYS B 39 -4.52 -9.45 -1.87
N GLU B 40 -4.34 -8.59 -2.87
CA GLU B 40 -5.23 -8.50 -4.02
C GLU B 40 -4.51 -8.97 -5.29
N VAL B 41 -5.20 -9.74 -6.12
CA VAL B 41 -4.66 -10.19 -7.39
C VAL B 41 -4.34 -9.01 -8.29
N ILE B 42 -3.14 -9.01 -8.87
CA ILE B 42 -2.73 -7.95 -9.80
C ILE B 42 -2.28 -8.52 -11.14
N GLN B 43 -2.10 -9.85 -11.21
CA GLN B 43 -1.87 -10.51 -12.49
C GLN B 43 -2.49 -11.90 -12.49
N PHE B 44 -3.11 -12.24 -13.61
CA PHE B 44 -3.88 -13.47 -13.78
C PHE B 44 -3.36 -14.21 -15.01
N ALA B 45 -2.59 -15.27 -14.79
CA ALA B 45 -1.90 -15.96 -15.89
C ALA B 45 -2.23 -17.44 -15.95
N ILE B 46 -2.57 -17.91 -17.16
CA ILE B 46 -2.87 -19.32 -17.41
C ILE B 46 -2.24 -19.76 -18.72
N VAL B 47 -1.72 -20.99 -18.74
CA VAL B 47 -1.27 -21.63 -19.97
C VAL B 47 -1.82 -23.06 -20.00
N ALA B 48 -2.27 -23.49 -21.17
CA ALA B 48 -2.91 -24.78 -21.32
C ALA B 48 -1.90 -25.86 -21.68
N TYR B 49 -2.12 -27.06 -21.15
CA TYR B 49 -1.29 -28.23 -21.48
C TYR B 49 -2.17 -29.34 -22.04
N ASP B 50 -1.83 -29.80 -23.23
CA ASP B 50 -2.56 -30.88 -23.90
C ASP B 50 -2.02 -32.22 -23.42
N VAL B 51 -2.80 -32.93 -22.61
CA VAL B 51 -2.31 -34.15 -21.98
C VAL B 51 -2.14 -35.31 -22.98
N PRO B 52 -3.18 -35.62 -23.77
CA PRO B 52 -3.00 -36.74 -24.72
C PRO B 52 -1.87 -36.52 -25.71
N ASN B 53 -1.75 -35.31 -26.24
CA ASN B 53 -0.75 -35.01 -27.26
C ASN B 53 0.57 -34.53 -26.68
N ASP B 54 0.62 -34.39 -25.36
CA ASP B 54 1.84 -33.97 -24.67
C ASP B 54 2.40 -32.69 -25.27
N LYS B 55 1.60 -31.63 -25.25
CA LYS B 55 1.98 -30.37 -25.88
C LYS B 55 1.61 -29.16 -25.03
N ILE B 56 2.62 -28.38 -24.65
CA ILE B 56 2.40 -27.11 -23.98
C ILE B 56 1.92 -26.08 -25.01
N ARG B 57 0.67 -25.67 -24.87
CA ARG B 57 0.05 -24.74 -25.82
C ARG B 57 0.19 -23.30 -25.36
N GLU B 58 1.34 -22.69 -25.69
CA GLU B 58 1.60 -21.30 -25.32
C GLU B 58 0.67 -20.36 -26.08
N ASP B 59 0.16 -20.84 -27.21
CA ASP B 59 -0.81 -20.07 -28.00
C ASP B 59 -2.17 -20.03 -27.31
N ILE B 60 -2.43 -21.02 -26.46
CA ILE B 60 -3.64 -21.05 -25.65
C ILE B 60 -3.31 -20.56 -24.25
N SER B 61 -3.51 -19.28 -24.02
CA SER B 61 -3.17 -18.67 -22.74
C SER B 61 -4.07 -17.50 -22.38
N PHE B 62 -4.19 -17.27 -21.07
CA PHE B 62 -4.90 -16.12 -20.53
C PHE B 62 -3.91 -15.34 -19.67
N ASN B 63 -3.75 -14.06 -19.96
CA ASN B 63 -2.76 -13.24 -19.26
C ASN B 63 -3.21 -11.79 -19.14
N LYS B 64 -3.72 -11.44 -17.97
CA LYS B 64 -4.27 -10.12 -17.72
C LYS B 64 -3.71 -9.52 -16.43
N TYR B 65 -3.49 -8.21 -16.46
CA TYR B 65 -3.22 -7.46 -15.24
C TYR B 65 -4.54 -7.16 -14.55
N VAL B 66 -4.48 -6.88 -13.25
CA VAL B 66 -5.68 -6.59 -12.47
C VAL B 66 -5.43 -5.37 -11.59
N LYS B 67 -6.38 -4.44 -11.57
CA LYS B 67 -6.28 -3.25 -10.73
C LYS B 67 -6.79 -3.53 -9.31
N PRO B 68 -5.91 -3.43 -8.29
CA PRO B 68 -6.36 -3.58 -6.91
C PRO B 68 -7.09 -2.32 -6.42
N VAL B 69 -7.89 -2.45 -5.37
CA VAL B 69 -8.69 -1.32 -4.88
C VAL B 69 -8.44 -0.98 -3.41
N LEU B 70 -7.87 -1.92 -2.65
CA LEU B 70 -7.54 -1.67 -1.25
C LEU B 70 -6.19 -0.98 -1.12
N ASN B 71 -5.21 -1.48 -1.87
CA ASN B 71 -3.89 -0.87 -1.94
C ASN B 71 -3.51 -0.67 -3.40
N ARG B 72 -3.69 0.56 -3.87
CA ARG B 72 -3.63 0.87 -5.29
C ARG B 72 -2.24 1.21 -5.78
N THR B 73 -1.33 1.47 -4.83
CA THR B 73 0.07 1.70 -5.16
C THR B 73 0.90 0.50 -4.76
N LEU B 74 1.50 -0.18 -5.74
CA LEU B 74 2.38 -1.30 -5.45
C LEU B 74 3.60 -0.84 -4.65
N THR B 75 3.91 -1.58 -3.59
CA THR B 75 5.12 -1.31 -2.83
C THR B 75 6.32 -1.63 -3.72
N LYS B 76 7.48 -1.10 -3.37
CA LYS B 76 8.68 -1.30 -4.16
C LYS B 76 9.06 -2.78 -4.19
N ASN B 77 8.95 -3.44 -3.04
CA ASN B 77 9.31 -4.85 -2.95
C ASN B 77 8.33 -5.75 -3.71
N CYS B 78 7.09 -5.29 -3.83
CA CYS B 78 6.10 -6.01 -4.62
C CYS B 78 6.45 -5.94 -6.10
N VAL B 79 6.82 -4.75 -6.57
CA VAL B 79 7.24 -4.56 -7.94
C VAL B 79 8.48 -5.39 -8.27
N ASP B 80 9.45 -5.38 -7.36
CA ASP B 80 10.69 -6.11 -7.56
C ASP B 80 10.44 -7.62 -7.62
N PHE B 81 9.45 -8.08 -6.88
CA PHE B 81 9.16 -9.51 -6.79
C PHE B 81 8.30 -10.01 -7.96
N THR B 82 7.28 -9.24 -8.31
CA THR B 82 6.33 -9.64 -9.35
C THR B 82 6.78 -9.21 -10.75
N GLY B 83 7.62 -8.18 -10.81
CA GLY B 83 8.05 -7.61 -12.07
C GLY B 83 6.97 -6.76 -12.73
N ILE B 84 5.91 -6.47 -11.98
CA ILE B 84 4.80 -5.69 -12.52
C ILE B 84 5.02 -4.20 -12.27
N PRO B 85 5.01 -3.39 -13.34
CA PRO B 85 5.12 -1.94 -13.15
C PRO B 85 3.79 -1.30 -12.76
N GLN B 86 3.86 -0.17 -12.07
CA GLN B 86 2.67 0.53 -11.60
C GLN B 86 1.73 0.89 -12.75
N ARG B 87 2.30 1.31 -13.87
CA ARG B 87 1.52 1.75 -15.02
C ARG B 87 0.60 0.64 -15.53
N SER B 88 1.04 -0.61 -15.37
CA SER B 88 0.29 -1.74 -15.92
C SER B 88 -1.01 -2.01 -15.16
N ILE B 89 -1.01 -1.75 -13.84
CA ILE B 89 -2.21 -1.98 -13.05
C ILE B 89 -3.11 -0.74 -13.02
N ASP B 90 -2.52 0.43 -13.24
CA ASP B 90 -3.30 1.67 -13.30
C ASP B 90 -4.24 1.68 -14.49
N THR B 91 -3.87 0.94 -15.54
CA THR B 91 -4.68 0.86 -16.76
C THR B 91 -5.46 -0.46 -16.86
N ALA B 92 -5.44 -1.24 -15.78
CA ALA B 92 -6.06 -2.57 -15.79
C ALA B 92 -7.50 -2.51 -15.30
N ASP B 93 -8.24 -3.59 -15.52
CA ASP B 93 -9.59 -3.71 -14.97
C ASP B 93 -9.52 -4.31 -13.57
N THR B 94 -10.56 -4.10 -12.77
CA THR B 94 -10.66 -4.72 -11.46
C THR B 94 -10.92 -6.21 -11.61
N PHE B 95 -10.74 -6.96 -10.53
CA PHE B 95 -10.77 -8.42 -10.58
C PHE B 95 -12.09 -8.99 -11.09
N ASP B 96 -13.20 -8.34 -10.75
CA ASP B 96 -14.51 -8.83 -11.15
C ASP B 96 -14.65 -8.86 -12.68
N VAL B 97 -14.09 -7.86 -13.34
CA VAL B 97 -14.13 -7.79 -14.79
C VAL B 97 -13.22 -8.84 -15.40
N VAL B 98 -12.00 -8.93 -14.89
CA VAL B 98 -11.01 -9.87 -15.42
C VAL B 98 -11.46 -11.31 -15.19
N TYR B 99 -12.09 -11.57 -14.04
CA TYR B 99 -12.61 -12.89 -13.74
C TYR B 99 -13.74 -13.26 -14.69
N GLU B 100 -14.54 -12.27 -15.07
CA GLU B 100 -15.62 -12.48 -16.02
C GLU B 100 -15.05 -12.82 -17.39
N GLN B 101 -13.97 -12.15 -17.76
CA GLN B 101 -13.29 -12.42 -19.02
C GLN B 101 -12.66 -13.81 -19.00
N PHE B 102 -12.22 -14.22 -17.81
CA PHE B 102 -11.62 -15.53 -17.63
C PHE B 102 -12.65 -16.65 -17.81
N GLN B 103 -13.86 -16.43 -17.30
CA GLN B 103 -14.93 -17.41 -17.45
C GLN B 103 -15.34 -17.54 -18.92
N GLN B 104 -15.44 -16.43 -19.62
CA GLN B 104 -15.77 -16.45 -21.04
C GLN B 104 -14.69 -17.17 -21.84
N TRP B 105 -13.44 -16.97 -21.44
CA TRP B 105 -12.30 -17.61 -22.09
C TRP B 105 -12.42 -19.12 -22.03
N LEU B 106 -12.85 -19.65 -20.89
CA LEU B 106 -13.07 -21.08 -20.73
C LEU B 106 -14.16 -21.56 -21.69
N ILE B 107 -15.23 -20.77 -21.81
CA ILE B 107 -16.32 -21.12 -22.70
C ILE B 107 -15.86 -21.08 -24.16
N THR B 108 -15.10 -20.04 -24.51
CA THR B 108 -14.59 -19.88 -25.86
C THR B 108 -13.72 -21.06 -26.27
N LEU B 109 -12.94 -21.58 -25.32
CA LEU B 109 -12.09 -22.74 -25.58
C LEU B 109 -12.94 -24.01 -25.76
N GLY B 110 -14.18 -23.95 -25.31
CA GLY B 110 -15.08 -25.10 -25.41
C GLY B 110 -14.80 -26.14 -24.35
N LEU B 111 -14.27 -25.70 -23.22
CA LEU B 111 -13.98 -26.60 -22.11
C LEU B 111 -15.25 -26.97 -21.36
N GLU B 112 -15.36 -28.23 -20.95
CA GLU B 112 -16.51 -28.71 -20.22
C GLU B 112 -16.22 -28.82 -18.73
N GLU B 113 -17.28 -28.71 -17.93
CA GLU B 113 -17.15 -28.79 -16.48
C GLU B 113 -16.60 -30.14 -16.01
N GLY B 114 -15.49 -30.10 -15.28
CA GLY B 114 -14.93 -31.29 -14.66
C GLY B 114 -14.03 -32.12 -15.55
N LYS B 115 -13.89 -31.71 -16.82
CA LYS B 115 -13.04 -32.42 -17.77
C LYS B 115 -11.69 -31.72 -17.95
N PHE B 116 -11.43 -30.73 -17.10
CA PHE B 116 -10.13 -30.08 -17.04
C PHE B 116 -9.84 -29.72 -15.58
N ALA B 117 -8.57 -29.56 -15.25
CA ALA B 117 -8.16 -29.21 -13.89
C ALA B 117 -7.01 -28.22 -13.90
N PHE B 118 -6.98 -27.36 -12.88
CA PHE B 118 -5.91 -26.38 -12.75
C PHE B 118 -4.70 -26.97 -12.05
N VAL B 119 -3.52 -26.55 -12.47
CA VAL B 119 -2.26 -26.98 -11.88
C VAL B 119 -1.53 -25.77 -11.29
N CYS B 120 -1.03 -25.92 -10.08
CA CYS B 120 -0.29 -24.86 -9.41
C CYS B 120 0.94 -25.45 -8.73
N ASP B 121 1.88 -24.59 -8.34
CA ASP B 121 3.11 -25.05 -7.71
C ASP B 121 2.93 -25.14 -6.18
N SER B 122 1.78 -24.72 -5.68
CA SER B 122 1.47 -24.82 -4.26
C SER B 122 -0.02 -24.60 -4.03
N ARG B 123 -0.42 -24.65 -2.77
CA ARG B 123 -1.82 -24.43 -2.40
C ARG B 123 -2.15 -22.94 -2.41
N GLN B 124 -1.12 -22.10 -2.35
CA GLN B 124 -1.28 -20.66 -2.16
C GLN B 124 -2.22 -20.02 -3.19
N ASP B 125 -2.05 -20.36 -4.46
CA ASP B 125 -2.78 -19.71 -5.54
C ASP B 125 -4.30 -19.80 -5.37
N LEU B 126 -4.81 -20.98 -5.03
CA LEU B 126 -6.24 -21.20 -4.98
C LEU B 126 -6.79 -21.23 -3.56
N TRP B 127 -6.10 -21.89 -2.63
CA TRP B 127 -6.59 -21.96 -1.26
C TRP B 127 -6.56 -20.59 -0.57
N ARG B 128 -5.50 -19.82 -0.77
CA ARG B 128 -5.36 -18.51 -0.13
C ARG B 128 -5.75 -17.36 -1.04
N ILE B 129 -4.95 -17.16 -2.09
CA ILE B 129 -5.10 -15.99 -2.95
C ILE B 129 -6.48 -15.93 -3.60
N ALA B 130 -6.88 -17.01 -4.27
CA ALA B 130 -8.18 -17.03 -4.92
C ALA B 130 -9.28 -16.82 -3.90
N GLN B 131 -9.27 -17.64 -2.84
CA GLN B 131 -10.32 -17.60 -1.82
C GLN B 131 -10.50 -16.20 -1.23
N TYR B 132 -9.39 -15.54 -0.91
CA TYR B 132 -9.44 -14.23 -0.29
C TYR B 132 -9.94 -13.16 -1.27
N GLN B 133 -9.46 -13.22 -2.51
CA GLN B 133 -9.88 -12.29 -3.54
C GLN B 133 -11.36 -12.44 -3.84
N MET B 134 -11.85 -13.69 -3.81
CA MET B 134 -13.26 -13.96 -4.05
C MET B 134 -14.11 -13.29 -2.97
N LYS B 135 -13.61 -13.26 -1.75
CA LYS B 135 -14.31 -12.62 -0.65
C LYS B 135 -14.36 -11.12 -0.86
N LEU B 136 -13.23 -10.53 -1.24
CA LEU B 136 -13.16 -9.10 -1.51
C LEU B 136 -14.14 -8.71 -2.61
N SER B 137 -14.22 -9.53 -3.65
CA SER B 137 -15.06 -9.24 -4.80
C SER B 137 -16.48 -9.76 -4.62
N ASN B 138 -16.74 -10.41 -3.48
CA ASN B 138 -18.04 -11.00 -3.20
C ASN B 138 -18.47 -11.96 -4.32
N ILE B 139 -17.53 -12.79 -4.75
CA ILE B 139 -17.80 -13.80 -5.77
C ILE B 139 -17.77 -15.18 -5.13
N GLN B 140 -18.70 -16.03 -5.52
CA GLN B 140 -18.76 -17.39 -5.01
C GLN B 140 -17.57 -18.20 -5.51
N MET B 141 -16.94 -18.93 -4.60
CA MET B 141 -15.80 -19.77 -4.97
C MET B 141 -16.24 -20.83 -5.98
N PRO B 142 -15.68 -20.79 -7.20
CA PRO B 142 -16.14 -21.72 -8.24
C PRO B 142 -15.73 -23.16 -7.99
N ALA B 143 -16.47 -24.09 -8.59
CA ALA B 143 -16.23 -25.51 -8.36
C ALA B 143 -14.87 -25.96 -8.89
N PHE B 144 -14.39 -25.30 -9.94
CA PHE B 144 -13.12 -25.69 -10.55
C PHE B 144 -11.91 -25.07 -9.82
N PHE B 145 -12.16 -24.28 -8.80
CA PHE B 145 -11.11 -23.78 -7.92
C PHE B 145 -11.08 -24.53 -6.59
N ARG B 146 -12.07 -25.40 -6.37
CA ARG B 146 -12.16 -26.15 -5.12
C ARG B 146 -11.64 -27.59 -5.31
N GLN B 147 -11.13 -27.87 -6.51
CA GLN B 147 -10.35 -29.07 -6.76
C GLN B 147 -9.23 -28.68 -7.73
N TYR B 148 -8.03 -29.18 -7.46
CA TYR B 148 -6.88 -28.80 -8.29
C TYR B 148 -5.69 -29.72 -8.06
N ILE B 149 -4.63 -29.48 -8.82
CA ILE B 149 -3.42 -30.28 -8.76
C ILE B 149 -2.27 -29.49 -8.16
N ASN B 150 -1.87 -29.86 -6.94
CA ASN B 150 -0.67 -29.31 -6.33
C ASN B 150 0.54 -30.05 -6.86
N LEU B 151 1.24 -29.44 -7.81
CA LEU B 151 2.32 -30.11 -8.51
C LEU B 151 3.50 -30.42 -7.60
N TYR B 152 3.72 -29.58 -6.60
CA TYR B 152 4.84 -29.76 -5.68
C TYR B 152 4.60 -30.97 -4.79
N LYS B 153 3.33 -31.24 -4.50
CA LYS B 153 2.96 -32.38 -3.70
C LYS B 153 3.26 -33.67 -4.45
N ILE B 154 3.02 -33.66 -5.76
CA ILE B 154 3.33 -34.81 -6.60
C ILE B 154 4.85 -34.95 -6.70
N PHE B 155 5.53 -33.81 -6.80
CA PHE B 155 6.98 -33.78 -6.87
C PHE B 155 7.59 -34.40 -5.62
N THR B 156 6.94 -34.21 -4.49
CA THR B 156 7.38 -34.83 -3.24
C THR B 156 7.33 -36.35 -3.35
N ASN B 157 6.22 -36.86 -3.87
CA ASN B 157 6.04 -38.30 -4.03
C ASN B 157 7.02 -38.87 -5.06
N GLU B 158 7.25 -38.13 -6.14
CA GLU B 158 8.19 -38.54 -7.17
C GLU B 158 9.61 -38.60 -6.64
N MET B 159 9.90 -37.78 -5.63
CA MET B 159 11.25 -37.67 -5.10
C MET B 159 11.62 -38.92 -4.28
N ASP B 160 10.68 -39.42 -3.49
CA ASP B 160 10.91 -40.65 -2.74
C ASP B 160 11.03 -41.83 -3.70
N ARG B 161 10.27 -41.76 -4.78
CA ARG B 161 10.21 -42.83 -5.77
C ARG B 161 11.51 -42.95 -6.58
N MET B 162 12.07 -41.82 -6.99
CA MET B 162 13.29 -41.80 -7.80
C MET B 162 14.54 -41.46 -6.99
N GLY B 163 14.41 -41.51 -5.66
CA GLY B 163 15.54 -41.23 -4.78
C GLY B 163 15.69 -39.74 -4.51
N PRO B 164 15.94 -39.36 -3.23
CA PRO B 164 16.02 -37.92 -2.94
C PRO B 164 17.34 -37.26 -3.37
N LYS B 165 17.29 -35.95 -3.55
CA LYS B 165 18.48 -35.11 -3.66
C LYS B 165 18.43 -34.02 -2.60
N GLU B 166 19.59 -33.48 -2.23
CA GLU B 166 19.65 -32.32 -1.35
C GLU B 166 19.73 -31.06 -2.23
N LEU B 167 18.58 -30.41 -2.39
CA LEU B 167 18.46 -29.31 -3.35
C LEU B 167 18.91 -27.98 -2.76
N SER B 168 19.52 -27.15 -3.61
CA SER B 168 20.05 -25.86 -3.20
C SER B 168 19.03 -24.73 -3.38
N ALA B 169 18.06 -24.95 -4.27
CA ALA B 169 17.04 -23.94 -4.54
C ALA B 169 16.15 -23.73 -3.33
N THR B 170 15.50 -22.57 -3.27
CA THR B 170 14.73 -22.17 -2.09
C THR B 170 13.22 -22.17 -2.35
N THR B 171 12.81 -22.14 -3.62
CA THR B 171 11.39 -22.11 -3.99
C THR B 171 10.93 -23.45 -4.55
N ASN B 172 9.61 -23.62 -4.64
CA ASN B 172 9.03 -24.84 -5.19
C ASN B 172 9.42 -25.04 -6.65
N ILE B 173 9.23 -24.00 -7.46
CA ILE B 173 9.61 -24.05 -8.87
C ILE B 173 11.11 -24.22 -9.01
N GLY B 174 11.85 -23.51 -8.17
CA GLY B 174 13.30 -23.58 -8.19
C GLY B 174 13.83 -24.97 -7.85
N LYS B 175 13.22 -25.60 -6.87
CA LYS B 175 13.60 -26.96 -6.48
C LYS B 175 13.30 -27.96 -7.58
N MET B 176 12.10 -27.86 -8.15
CA MET B 176 11.68 -28.79 -9.18
C MET B 176 12.54 -28.65 -10.45
N ASN B 177 12.90 -27.43 -10.80
CA ASN B 177 13.76 -27.20 -11.95
C ASN B 177 15.17 -27.74 -11.70
N GLU B 178 15.64 -27.65 -10.46
CA GLU B 178 16.96 -28.14 -10.11
C GLU B 178 17.01 -29.66 -10.08
N TYR B 179 15.90 -30.28 -9.67
CA TYR B 179 15.82 -31.72 -9.57
C TYR B 179 15.90 -32.39 -10.93
N TYR B 180 15.12 -31.88 -11.88
CA TYR B 180 15.09 -32.43 -13.24
C TYR B 180 16.10 -31.73 -14.14
N ASP B 181 16.94 -30.88 -13.56
CA ASP B 181 17.95 -30.14 -14.30
C ASP B 181 17.33 -29.39 -15.47
N LEU B 182 16.30 -28.59 -15.18
CA LEU B 182 15.63 -27.79 -16.19
C LEU B 182 16.12 -26.34 -16.13
N PRO B 183 16.43 -25.74 -17.28
CA PRO B 183 16.84 -24.32 -17.25
C PRO B 183 15.69 -23.42 -16.84
N THR B 184 15.94 -22.54 -15.86
CA THR B 184 14.92 -21.62 -15.38
C THR B 184 14.43 -20.71 -16.50
N ILE B 185 13.15 -20.82 -16.81
CA ILE B 185 12.54 -19.97 -17.82
C ILE B 185 12.33 -18.56 -17.28
N GLY B 186 12.90 -17.58 -17.97
CA GLY B 186 12.80 -16.19 -17.53
C GLY B 186 12.78 -15.21 -18.69
N ARG B 187 11.59 -15.01 -19.28
CA ARG B 187 11.40 -14.05 -20.36
C ARG B 187 10.73 -12.79 -19.82
N ALA B 188 9.45 -12.92 -19.50
CA ALA B 188 8.64 -11.78 -19.05
C ALA B 188 8.95 -11.40 -17.62
N HIS B 189 9.59 -12.30 -16.88
CA HIS B 189 9.89 -12.11 -15.47
C HIS B 189 8.63 -11.74 -14.67
N ASP B 190 7.55 -12.47 -14.91
CA ASP B 190 6.30 -12.24 -14.20
C ASP B 190 5.51 -13.54 -14.05
N ALA B 191 4.19 -13.43 -13.90
CA ALA B 191 3.32 -14.58 -13.67
C ALA B 191 3.42 -15.63 -14.78
N MET B 192 3.50 -15.16 -16.02
CA MET B 192 3.50 -16.07 -17.16
C MET B 192 4.76 -16.93 -17.18
N ASP B 193 5.86 -16.39 -16.65
CA ASP B 193 7.10 -17.16 -16.54
C ASP B 193 6.92 -18.32 -15.59
N ASP B 194 6.23 -18.08 -14.48
CA ASP B 194 5.91 -19.14 -13.52
C ASP B 194 5.08 -20.22 -14.21
N CYS B 195 4.08 -19.78 -14.97
CA CYS B 195 3.22 -20.71 -15.70
C CYS B 195 4.03 -21.60 -16.64
N LEU B 196 4.94 -20.98 -17.37
CA LEU B 196 5.77 -21.72 -18.33
C LEU B 196 6.69 -22.70 -17.62
N ASN B 197 7.27 -22.29 -16.50
CA ASN B 197 8.15 -23.15 -15.73
C ASN B 197 7.39 -24.35 -15.16
N ILE B 198 6.22 -24.09 -14.59
CA ILE B 198 5.39 -25.14 -14.03
C ILE B 198 4.94 -26.10 -15.13
N ALA B 199 4.61 -25.56 -16.29
CA ALA B 199 4.16 -26.36 -17.41
C ALA B 199 5.27 -27.29 -17.90
N THR B 200 6.48 -26.75 -18.02
CA THR B 200 7.63 -27.54 -18.46
C THR B 200 7.96 -28.61 -17.43
N ILE B 201 7.89 -28.25 -16.16
CA ILE B 201 8.09 -29.21 -15.07
C ILE B 201 7.03 -30.30 -15.15
N LEU B 202 5.77 -29.88 -15.30
CA LEU B 202 4.65 -30.80 -15.41
C LEU B 202 4.88 -31.79 -16.54
N GLN B 203 5.33 -31.27 -17.69
CA GLN B 203 5.58 -32.11 -18.86
C GLN B 203 6.69 -33.12 -18.59
N ARG B 204 7.82 -32.62 -18.11
CA ARG B 204 8.98 -33.46 -17.82
C ARG B 204 8.63 -34.53 -16.79
N MET B 205 7.77 -34.18 -15.84
CA MET B 205 7.41 -35.10 -14.77
C MET B 205 6.69 -36.33 -15.30
N ILE B 206 5.70 -36.14 -16.16
CA ILE B 206 4.95 -37.29 -16.68
C ILE B 206 5.82 -38.08 -17.65
N ASN B 207 6.74 -37.40 -18.30
CA ASN B 207 7.68 -38.05 -19.21
C ASN B 207 8.69 -38.88 -18.43
N MET B 208 8.90 -38.51 -17.16
CA MET B 208 9.71 -39.32 -16.25
C MET B 208 8.83 -40.37 -15.57
N GLY B 209 7.54 -40.37 -15.87
CA GLY B 209 6.63 -41.39 -15.40
C GLY B 209 5.79 -41.01 -14.19
N ALA B 210 5.67 -39.70 -13.95
CA ALA B 210 4.87 -39.22 -12.83
C ALA B 210 3.38 -39.36 -13.12
N LYS B 211 2.59 -39.61 -12.07
CA LYS B 211 1.15 -39.76 -12.19
C LYS B 211 0.44 -38.51 -11.66
N VAL B 212 -0.05 -37.68 -12.57
CA VAL B 212 -0.60 -36.38 -12.23
C VAL B 212 -2.13 -36.41 -12.16
N THR B 213 -2.67 -36.01 -11.01
CA THR B 213 -4.12 -35.96 -10.79
C THR B 213 -4.44 -34.94 -9.72
N VAL B 214 -5.72 -34.59 -9.59
CA VAL B 214 -6.20 -33.78 -8.47
C VAL B 214 -5.81 -34.45 -7.15
N ASN B 215 -5.03 -33.74 -6.34
CA ASN B 215 -4.56 -34.26 -5.06
C ASN B 215 -4.95 -33.37 -3.88
N GLU B 216 -5.60 -32.25 -4.17
CA GLU B 216 -6.08 -31.35 -3.13
C GLU B 216 -7.48 -30.85 -3.43
N LEU B 217 -8.31 -30.81 -2.39
CA LEU B 217 -9.69 -30.34 -2.49
C LEU B 217 -9.95 -29.28 -1.43
N LEU B 218 -10.88 -28.37 -1.71
CA LEU B 218 -11.29 -27.36 -0.74
C LEU B 218 -12.66 -27.72 -0.16
N THR B 219 -12.68 -27.97 1.14
CA THR B 219 -13.91 -28.35 1.85
C THR B 219 -14.27 -27.30 2.90
N CYS B 220 -15.50 -27.39 3.41
CA CYS B 220 -16.05 -26.34 4.28
C CYS B 220 -15.70 -26.53 5.75
N CYS B 221 -15.22 -27.72 6.12
CA CYS B 221 -15.01 -28.04 7.53
C CYS B 221 -13.87 -29.03 7.74
N ALA B 222 -13.26 -28.93 8.92
CA ALA B 222 -12.19 -29.84 9.32
C ALA B 222 -12.14 -29.96 10.84
N SER B 223 -11.82 -31.15 11.33
CA SER B 223 -11.82 -31.42 12.77
C SER B 223 -10.68 -30.69 13.48
N TRP B 224 -9.58 -30.44 12.77
CA TRP B 224 -8.40 -29.84 13.38
C TRP B 224 -8.56 -28.33 13.60
N ARG B 225 -9.67 -27.76 13.13
CA ARG B 225 -9.98 -26.36 13.38
C ARG B 225 -10.95 -26.20 14.55
N ARG B 226 -11.36 -27.32 15.14
CA ARG B 226 -12.35 -27.30 16.22
C ARG B 226 -11.78 -26.68 17.48
N GLN B 227 -10.48 -26.90 17.73
CA GLN B 227 -9.82 -26.30 18.88
C GLN B 227 -9.16 -24.98 18.46
N PRO B 228 -9.26 -23.94 19.30
CA PRO B 228 -8.63 -22.65 18.99
C PRO B 228 -7.13 -22.75 18.68
N LEU B 229 -6.69 -21.94 17.73
CA LEU B 229 -5.28 -21.86 17.37
C LEU B 229 -4.47 -21.25 18.52
N VAL B 230 -3.34 -21.87 18.83
CA VAL B 230 -2.42 -21.31 19.82
C VAL B 230 -1.74 -20.09 19.22
N TYR B 231 -2.19 -18.92 19.65
CA TYR B 231 -1.81 -17.66 19.02
C TYR B 231 -0.35 -17.29 19.24
N ASN B 232 0.35 -17.06 18.13
CA ASN B 232 1.71 -16.52 18.16
C ASN B 232 1.70 -15.03 17.86
N LYS B 233 2.12 -14.23 18.83
CA LYS B 233 2.00 -12.77 18.72
C LYS B 233 2.83 -12.17 17.59
N GLU B 234 3.89 -12.87 17.18
CA GLU B 234 4.79 -12.36 16.15
C GLU B 234 4.49 -13.00 14.80
N TRP B 235 3.25 -13.43 14.59
CA TRP B 235 2.90 -14.18 13.39
C TRP B 235 3.00 -13.33 12.13
N ARG B 236 2.91 -12.02 12.27
CA ARG B 236 2.90 -11.12 11.11
C ARG B 236 4.25 -11.05 10.41
N SER B 237 5.31 -11.49 11.08
CA SER B 237 6.65 -11.48 10.51
C SER B 237 7.06 -12.86 9.99
N SER B 238 6.17 -13.83 10.11
CA SER B 238 6.44 -15.21 9.69
C SER B 238 5.39 -15.73 8.72
N PHE B 239 5.80 -16.02 7.49
CA PHE B 239 4.91 -16.58 6.49
C PHE B 239 4.33 -17.91 6.98
N MET B 240 5.14 -18.65 7.71
CA MET B 240 4.72 -19.96 8.24
C MET B 240 3.59 -19.79 9.25
N ASP B 241 3.84 -19.01 10.30
CA ASP B 241 2.85 -18.80 11.36
C ASP B 241 1.63 -18.06 10.83
N ALA B 242 1.84 -17.20 9.85
CA ALA B 242 0.73 -16.48 9.22
C ALA B 242 -0.19 -17.48 8.51
N GLY B 243 0.40 -18.54 7.98
CA GLY B 243 -0.37 -19.58 7.32
C GLY B 243 -1.40 -20.19 8.26
N LYS B 244 -1.00 -20.40 9.51
CA LYS B 244 -1.90 -20.96 10.51
C LYS B 244 -3.10 -20.04 10.73
N ILE B 245 -2.85 -18.74 10.74
CA ILE B 245 -3.91 -17.75 10.87
C ILE B 245 -4.84 -17.79 9.67
N PHE B 246 -4.25 -17.78 8.47
CA PHE B 246 -5.01 -17.85 7.23
C PHE B 246 -5.96 -19.05 7.22
N GLU B 247 -5.49 -20.18 7.76
CA GLU B 247 -6.25 -21.42 7.74
C GLU B 247 -7.55 -21.32 8.52
N ARG B 248 -7.52 -20.56 9.62
CA ARG B 248 -8.70 -20.41 10.47
C ARG B 248 -9.63 -19.32 9.95
N VAL B 249 -9.04 -18.25 9.40
CA VAL B 249 -9.83 -17.13 8.89
C VAL B 249 -10.61 -17.52 7.65
N LEU B 250 -9.92 -18.10 6.67
CA LEU B 250 -10.55 -18.48 5.41
C LEU B 250 -11.55 -19.62 5.66
N PRO B 251 -12.75 -19.53 5.06
CA PRO B 251 -13.78 -20.54 5.31
C PRO B 251 -13.44 -21.94 4.80
N LEU B 252 -12.85 -22.04 3.61
CA LEU B 252 -12.54 -23.35 3.03
C LEU B 252 -11.12 -23.79 3.38
N VAL B 253 -10.99 -25.08 3.67
CA VAL B 253 -9.74 -25.69 4.09
C VAL B 253 -9.24 -26.67 3.05
N VAL B 254 -7.92 -26.79 2.94
CA VAL B 254 -7.30 -27.77 2.04
C VAL B 254 -7.50 -29.17 2.60
N THR B 255 -8.03 -30.07 1.75
CA THR B 255 -8.21 -31.46 2.11
C THR B 255 -7.49 -32.36 1.12
N THR B 256 -6.48 -33.06 1.61
CA THR B 256 -5.74 -34.02 0.81
C THR B 256 -6.67 -35.13 0.35
N ILE B 257 -6.55 -35.51 -0.93
CA ILE B 257 -7.17 -36.73 -1.42
C ILE B 257 -6.08 -37.65 -1.97
N ARG B 258 -6.03 -38.87 -1.42
CA ARG B 258 -4.96 -39.81 -1.73
C ARG B 258 -5.01 -40.27 -3.19
N ALA B 259 -3.88 -40.75 -3.68
CA ALA B 259 -3.78 -41.19 -5.07
C ALA B 259 -4.70 -42.39 -5.33
N GLY B 260 -5.45 -42.33 -6.42
CA GLY B 260 -6.34 -43.40 -6.81
C GLY B 260 -7.75 -43.25 -6.23
N ASP B 261 -7.94 -42.21 -5.43
CA ASP B 261 -9.22 -41.99 -4.76
C ASP B 261 -10.09 -40.96 -5.45
N PHE B 262 -9.50 -40.17 -6.35
CA PHE B 262 -10.22 -39.11 -7.03
C PHE B 262 -11.04 -39.62 -8.22
N ARG B 263 -12.30 -39.22 -8.26
CA ARG B 263 -13.19 -39.51 -9.38
C ARG B 263 -13.67 -38.20 -9.99
N LEU B 264 -13.87 -38.20 -11.31
CA LEU B 264 -14.30 -37.00 -12.01
C LEU B 264 -15.69 -36.53 -11.55
N GLU B 265 -16.50 -37.47 -11.07
CA GLU B 265 -17.86 -37.16 -10.65
C GLU B 265 -17.87 -36.41 -9.32
N MET B 266 -16.70 -36.22 -8.72
CA MET B 266 -16.59 -35.46 -7.48
C MET B 266 -16.78 -33.97 -7.77
N TYR B 267 -16.56 -33.57 -9.01
CA TYR B 267 -16.86 -32.20 -9.44
C TYR B 267 -18.37 -32.07 -9.64
N GLY B 268 -19.05 -31.09 -9.05
CA GLY B 268 -18.54 -30.09 -8.12
C GLY B 268 -19.28 -30.20 -6.80
N VAL B 269 -18.99 -31.27 -6.07
CA VAL B 269 -19.61 -31.54 -4.78
C VAL B 269 -18.57 -31.49 -3.67
N CYS B 270 -18.87 -30.74 -2.62
CA CYS B 270 -17.97 -30.64 -1.48
C CYS B 270 -17.78 -32.01 -0.87
N ARG B 271 -16.53 -32.40 -0.66
CA ARG B 271 -16.21 -33.73 -0.16
C ARG B 271 -16.72 -33.93 1.26
N TYR B 272 -16.80 -32.85 2.03
CA TYR B 272 -17.20 -32.96 3.42
C TYR B 272 -18.72 -33.03 3.59
N CYS B 273 -19.41 -31.95 3.26
CA CYS B 273 -20.85 -31.84 3.50
C CYS B 273 -21.67 -32.51 2.39
N ARG B 274 -21.00 -32.92 1.33
CA ARG B 274 -21.65 -33.64 0.22
C ARG B 274 -22.81 -32.85 -0.38
N LYS B 275 -22.66 -31.53 -0.41
CA LYS B 275 -23.63 -30.66 -1.07
C LYS B 275 -22.96 -29.90 -2.21
N GLY B 276 -23.78 -29.42 -3.14
CA GLY B 276 -23.28 -28.66 -4.27
C GLY B 276 -22.51 -27.44 -3.82
N MET B 277 -21.45 -27.10 -4.55
CA MET B 277 -20.60 -25.98 -4.21
C MET B 277 -21.26 -24.65 -4.52
N ASP B 278 -22.52 -24.70 -4.98
CA ASP B 278 -23.34 -23.51 -5.15
C ASP B 278 -24.09 -23.17 -3.85
N VAL B 279 -24.15 -24.15 -2.95
CA VAL B 279 -24.75 -23.95 -1.63
C VAL B 279 -23.64 -23.91 -0.57
N CYS B 280 -22.73 -24.88 -0.64
CA CYS B 280 -21.60 -24.94 0.27
C CYS B 280 -20.59 -23.84 -0.04
N GLY B 281 -20.08 -23.20 1.00
CA GLY B 281 -19.09 -22.14 0.87
C GLY B 281 -19.69 -20.76 1.00
N THR B 282 -20.99 -20.69 1.19
CA THR B 282 -21.69 -19.41 1.35
C THR B 282 -21.31 -18.75 2.67
N SER B 283 -21.31 -19.55 3.74
CA SER B 283 -21.02 -19.07 5.08
C SER B 283 -19.89 -19.86 5.72
N HIS B 284 -19.09 -19.18 6.55
CA HIS B 284 -18.02 -19.82 7.29
C HIS B 284 -18.60 -20.74 8.35
N GLN B 285 -18.19 -22.01 8.33
CA GLN B 285 -18.76 -23.03 9.21
C GLN B 285 -18.01 -23.18 10.54
N GLN B 286 -16.81 -22.62 10.59
CA GLN B 286 -15.97 -22.69 11.78
C GLN B 286 -15.32 -21.34 12.07
N THR B 287 -16.14 -20.30 12.21
CA THR B 287 -15.63 -18.95 12.44
C THR B 287 -14.73 -18.90 13.68
N PRO B 288 -13.47 -18.46 13.52
CA PRO B 288 -12.56 -18.41 14.66
C PRO B 288 -12.80 -17.18 15.53
N HIS B 289 -13.84 -17.24 16.36
CA HIS B 289 -14.20 -16.12 17.22
C HIS B 289 -13.08 -15.79 18.22
N ASP B 290 -12.35 -16.83 18.62
CA ASP B 290 -11.25 -16.66 19.58
C ASP B 290 -10.18 -15.72 19.08
N LEU B 291 -10.06 -15.59 17.75
CA LEU B 291 -9.06 -14.72 17.15
C LEU B 291 -9.59 -13.30 16.95
N TYR B 292 -10.89 -13.11 17.15
CA TYR B 292 -11.56 -11.87 16.81
C TYR B 292 -12.08 -11.08 18.02
N LYS B 293 -11.55 -11.38 19.21
CA LYS B 293 -12.07 -10.79 20.44
C LYS B 293 -11.12 -9.79 21.11
N ASN B 294 -9.88 -9.73 20.62
CA ASN B 294 -8.90 -8.78 21.13
C ASN B 294 -8.73 -7.61 20.16
N GLU B 295 -9.30 -6.46 20.52
CA GLU B 295 -9.29 -5.29 19.64
C GLU B 295 -8.04 -4.44 19.85
N GLU B 296 -7.13 -4.91 20.69
CA GLU B 296 -5.83 -4.26 20.86
C GLU B 296 -4.82 -4.87 19.88
N ASP B 297 -5.18 -6.02 19.31
CA ASP B 297 -4.36 -6.69 18.30
C ASP B 297 -5.26 -7.30 17.22
N PRO B 298 -5.91 -6.45 16.41
CA PRO B 298 -6.84 -6.95 15.39
C PRO B 298 -6.15 -7.55 14.18
N ILE B 299 -6.80 -8.53 13.56
CA ILE B 299 -6.31 -9.10 12.30
C ILE B 299 -6.77 -8.21 11.15
N HIS B 300 -5.86 -7.40 10.62
CA HIS B 300 -6.21 -6.39 9.62
C HIS B 300 -6.85 -7.00 8.37
N PHE B 301 -6.23 -8.05 7.82
CA PHE B 301 -6.71 -8.60 6.55
C PHE B 301 -8.07 -9.27 6.72
N ALA B 302 -8.35 -9.75 7.92
CA ALA B 302 -9.65 -10.34 8.21
C ALA B 302 -10.69 -9.23 8.36
N LYS B 303 -10.30 -8.16 9.04
CA LYS B 303 -11.20 -7.05 9.32
C LYS B 303 -11.63 -6.33 8.04
N ILE B 304 -10.67 -6.07 7.16
CA ILE B 304 -10.94 -5.29 5.95
C ILE B 304 -11.70 -6.11 4.90
N ALA B 305 -11.56 -7.43 4.95
CA ALA B 305 -12.29 -8.31 4.04
C ALA B 305 -13.70 -8.58 4.55
N GLY B 306 -13.96 -8.25 5.81
CA GLY B 306 -15.28 -8.38 6.39
C GLY B 306 -15.58 -9.74 6.99
N TYR B 307 -14.56 -10.42 7.48
CA TYR B 307 -14.75 -11.69 8.17
C TYR B 307 -15.23 -11.44 9.59
N TYR B 308 -14.94 -10.25 10.11
CA TYR B 308 -15.47 -9.83 11.40
C TYR B 308 -15.36 -8.31 11.56
ZN ZN C . -3.31 33.45 -7.01
O1 MES D . 6.84 10.24 14.78
C2 MES D . 8.21 10.12 15.12
C3 MES D . 9.07 11.18 14.46
N4 MES D . 9.00 11.13 13.05
C5 MES D . 7.65 11.12 12.54
C6 MES D . 6.52 10.78 13.49
C7 MES D . 9.69 12.26 12.46
C8 MES D . 11.19 12.36 12.88
S MES D . 12.03 13.55 11.79
O1S MES D . 13.11 14.29 12.54
O2S MES D . 11.04 14.53 11.17
O3S MES D . 12.58 12.86 10.52
H21 MES D . 8.29 10.21 16.11
H22 MES D . 8.52 9.25 14.86
H31 MES D . 8.77 12.07 14.75
H32 MES D . 9.99 11.05 14.73
HN4 MES D . 9.41 10.38 12.78
H51 MES D . 7.62 10.47 11.78
H52 MES D . 7.47 12.03 12.16
H61 MES D . 5.94 10.13 13.04
H62 MES D . 6.00 11.59 13.63
H71 MES D . 9.22 13.08 12.73
H72 MES D . 9.64 12.18 11.46
H81 MES D . 11.61 11.48 12.80
H82 MES D . 11.25 12.65 13.79
MG MG E . 7.35 15.57 10.47
C1 IPA F . 17.16 13.05 14.22
C2 IPA F . 18.63 12.74 14.08
C3 IPA F . 19.39 13.37 15.22
O2 IPA F . 19.11 13.23 12.86
H11 IPA F . 16.82 12.69 15.06
H12 IPA F . 16.67 12.66 13.47
H13 IPA F . 17.03 14.02 14.20
H2 IPA F . 18.75 11.77 14.11
H31 IPA F . 20.35 13.18 15.13
H32 IPA F . 19.26 14.34 15.21
H33 IPA F . 19.07 13.01 16.07
HO2 IPA F . 19.43 12.56 12.37
C1 IPA G . 13.27 26.52 -5.13
C2 IPA G . 12.98 27.82 -5.85
C3 IPA G . 13.12 28.98 -4.88
O2 IPA G . 11.67 27.79 -6.36
H11 IPA G . 12.66 26.42 -4.39
H12 IPA G . 14.19 26.54 -4.79
H13 IPA G . 13.16 25.77 -5.75
H2 IPA G . 13.61 27.93 -6.58
H31 IPA G . 14.04 29.01 -4.55
H32 IPA G . 12.51 28.86 -4.14
H33 IPA G . 12.92 29.82 -5.35
HO2 IPA G . 11.69 27.53 -7.21
C1 IPA H . 3.49 24.44 -19.62
C2 IPA H . 4.34 24.98 -18.49
C3 IPA H . 3.45 25.29 -17.31
O2 IPA H . 5.31 24.02 -18.13
H11 IPA H . 3.05 23.62 -19.34
H12 IPA H . 2.82 25.11 -19.86
H13 IPA H . 4.06 24.25 -20.39
H2 IPA H . 4.79 25.80 -18.78
H31 IPA H . 3.99 25.66 -16.59
H32 IPA H . 2.77 25.95 -17.58
H33 IPA H . 3.01 24.47 -17.02
HO2 IPA H . 6.12 24.34 -18.30
ZN ZN I . -18.95 -28.33 2.31
O1 MES J . 7.46 -13.18 -11.46
C2 MES J . 6.33 -13.56 -10.69
C3 MES J . 6.73 -14.22 -9.38
N4 MES J . 7.61 -15.31 -9.59
C5 MES J . 8.76 -14.91 -10.35
C6 MES J . 8.39 -14.24 -11.64
C7 MES J . 7.99 -15.83 -8.29
C8 MES J . 8.88 -17.10 -8.45
S MES J . 8.74 -18.17 -6.98
O1S MES J . 9.17 -17.40 -5.71
O2S MES J . 7.30 -18.50 -6.67
O3S MES J . 9.56 -19.42 -7.18
H21 MES J . 5.79 -12.74 -10.49
H22 MES J . 5.80 -14.16 -11.21
H31 MES J . 5.92 -14.55 -8.94
H32 MES J . 7.16 -13.57 -8.81
HN4 MES J . 7.17 -15.95 -10.03
H51 MES J . 9.31 -14.28 -9.80
H52 MES J . 9.31 -15.73 -10.54
H61 MES J . 9.20 -13.89 -12.06
H62 MES J . 8.00 -14.91 -12.24
H71 MES J . 8.50 -15.14 -7.80
H72 MES J . 7.18 -16.05 -7.78
H81 MES J . 9.81 -16.83 -8.58
H82 MES J . 8.59 -17.59 -9.23
MG MG K . 3.74 -17.90 -8.04
C1 IPA L . 3.44 -27.85 -0.58
C2 IPA L . 3.01 -26.45 -0.95
C3 IPA L . 3.76 -25.44 -0.11
O2 IPA L . 1.64 -26.32 -0.70
H11 IPA L . 3.27 -28.01 0.36
H12 IPA L . 4.40 -27.95 -0.75
H13 IPA L . 2.95 -28.50 -1.12
H2 IPA L . 3.20 -26.29 -1.89
H31 IPA L . 3.47 -24.55 -0.33
H32 IPA L . 4.72 -25.52 -0.28
H33 IPA L . 3.58 -25.61 0.84
HO2 IPA L . 1.20 -26.21 -1.47
C1 IPA M . -4.91 -12.26 2.66
C2 IPA M . -4.24 -13.36 3.45
C3 IPA M . -5.19 -14.53 3.60
O2 IPA M . -3.08 -13.76 2.76
H11 IPA M . -5.73 -11.98 3.12
H12 IPA M . -4.32 -11.51 2.58
H13 IPA M . -5.15 -12.60 1.77
H2 IPA M . -3.99 -13.03 4.33
H31 IPA M . -5.99 -14.23 4.06
H32 IPA M . -5.42 -14.87 2.71
H33 IPA M . -4.76 -15.23 4.12
HO2 IPA M . -2.38 -13.71 3.30
C1 IPA N . -14.04 -23.23 15.57
C2 IPA N . -13.64 -22.45 16.80
C3 IPA N . -12.14 -22.21 16.78
O2 IPA N . -13.95 -23.19 17.96
H11 IPA N . -15.00 -23.40 15.60
H12 IPA N . -13.83 -22.71 14.77
H13 IPA N . -13.56 -24.08 15.55
H2 IPA N . -14.10 -21.60 16.82
H31 IPA N . -11.67 -23.05 16.75
H32 IPA N . -11.88 -21.71 17.59
H33 IPA N . -11.91 -21.67 16.00
HO2 IPA N . -14.49 -22.71 18.47
C1 IPA O . 5.35 -20.86 -2.48
C2 IPA O . 6.61 -20.91 -3.32
C3 IPA O . 7.72 -21.59 -2.54
O2 IPA O . 6.35 -21.62 -4.51
H11 IPA O . 5.07 -21.77 -2.27
H12 IPA O . 4.65 -20.40 -2.98
H13 IPA O . 5.53 -20.38 -1.65
H2 IPA O . 6.89 -20.00 -3.54
H31 IPA O . 8.53 -21.61 -3.08
H32 IPA O . 7.88 -21.11 -1.71
H33 IPA O . 7.44 -22.51 -2.34
HO2 IPA O . 6.47 -21.09 -5.21
#